data_8W03
#
_entry.id   8W03
#
_cell.length_a   53.489
_cell.length_b   58.771
_cell.length_c   93.208
_cell.angle_alpha   86.61
_cell.angle_beta   75.17
_cell.angle_gamma   62.96
#
_symmetry.space_group_name_H-M   'P 1'
#
loop_
_entity.id
_entity.type
_entity.pdbx_description
1 polymer 'Estrogen receptor'
2 non-polymer (1S,2R,4S)-N-(4-chlorophenyl)-5,6-bis(4-hydroxyphenyl)-N-(2,2,2-trifluoroethyl)-7-oxabicyclo[2.2.1]hept-5-ene-2-sulfonamide
3 water water
#
_entity_poly.entity_id   1
_entity_poly.type   'polypeptide(L)'
_entity_poly.pdbx_seq_one_letter_code
;SLALSLTADQMVSALLDAEPPILYSEYDPTRPFSEASMMGLLTNLADRELVHMINWAKRVPGFVDLTSHDQVHLLE
(YCM)AWLEILMIGLVWRSMEHPGKLLFAPNLLLDRNQGKCVEGMVEIFDMLLATSSRFRMMNLQGEEFVCLKSIILLNS
GVYTFLSSTLKSLEEKDHIHRVLDKITDTLIHLMAKAGLTLQQQHQRLAQLLLILSHIRHMSNKGMEHLYSMKCKNVVPS
YDLLLEMLDA
;
_entity_poly.pdbx_strand_id   A,B,C,D
#
loop_
_chem_comp.id
_chem_comp.type
_chem_comp.name
_chem_comp.formula
OBT non-polymer (1S,2R,4S)-N-(4-chlorophenyl)-5,6-bis(4-hydroxyphenyl)-N-(2,2,2-trifluoroethyl)-7-oxabicyclo[2.2.1]hept-5-ene-2-sulfonamide 'C26 H21 Cl F3 N O5 S'
#
# COMPACT_ATOMS: atom_id res chain seq x y z
N LEU A 2 -23.74 28.20 32.14
CA LEU A 2 -24.80 27.45 31.50
C LEU A 2 -24.27 26.49 30.43
N ALA A 3 -23.00 26.66 30.08
CA ALA A 3 -22.43 25.82 29.05
C ALA A 3 -22.38 24.35 29.46
N LEU A 4 -22.10 24.08 30.74
CA LEU A 4 -21.94 22.71 31.20
C LEU A 4 -23.27 22.06 31.55
N SER A 5 -24.38 22.78 31.34
CA SER A 5 -25.72 22.21 31.46
C SER A 5 -26.31 21.77 30.10
N LEU A 6 -25.60 21.98 29.01
CA LEU A 6 -26.11 21.60 27.70
C LEU A 6 -26.12 20.08 27.54
N THR A 7 -27.08 19.59 26.75
CA THR A 7 -27.07 18.19 26.36
C THR A 7 -26.17 17.99 25.15
N ALA A 8 -25.90 16.72 24.83
CA ALA A 8 -25.06 16.42 23.67
C ALA A 8 -25.66 17.00 22.40
N ASP A 9 -26.96 16.79 22.19
CA ASP A 9 -27.59 17.30 20.98
C ASP A 9 -27.61 18.83 20.93
N GLN A 10 -27.73 19.49 22.08
CA GLN A 10 -27.72 20.95 22.07
C GLN A 10 -26.30 21.49 21.84
N MET A 11 -25.27 20.75 22.29
CA MET A 11 -23.90 21.16 22.01
C MET A 11 -23.61 21.07 20.52
N VAL A 12 -23.95 19.93 19.93
CA VAL A 12 -23.88 19.78 18.48
C VAL A 12 -24.54 20.97 17.77
N SER A 13 -25.81 21.24 18.10
CA SER A 13 -26.55 22.32 17.43
C SER A 13 -25.85 23.65 17.58
N ALA A 14 -25.37 23.96 18.80
CA ALA A 14 -24.65 25.20 19.02
C ALA A 14 -23.43 25.33 18.12
N LEU A 15 -22.65 24.25 17.98
CA LEU A 15 -21.43 24.33 17.19
C LEU A 15 -21.73 24.47 15.70
N LEU A 16 -22.73 23.75 15.20
CA LEU A 16 -23.06 23.91 13.78
C LEU A 16 -23.60 25.30 13.48
N ASP A 17 -24.44 25.84 14.36
CA ASP A 17 -24.91 27.22 14.19
C ASP A 17 -23.77 28.23 14.21
N ALA A 18 -22.71 27.97 14.99
CA ALA A 18 -21.61 28.91 15.12
C ALA A 18 -20.61 28.90 13.96
N GLU A 19 -20.74 27.95 13.02
CA GLU A 19 -19.72 27.76 12.00
C GLU A 19 -19.50 29.06 11.24
N PRO A 20 -18.26 29.38 10.87
CA PRO A 20 -17.99 30.62 10.13
C PRO A 20 -18.25 30.44 8.65
N PRO A 21 -18.25 31.52 7.86
CA PRO A 21 -18.51 31.40 6.42
C PRO A 21 -17.26 30.98 5.66
N ILE A 22 -17.47 30.44 4.46
CA ILE A 22 -16.36 30.20 3.55
C ILE A 22 -16.08 31.48 2.78
N LEU A 23 -14.83 31.98 2.84
CA LEU A 23 -14.44 33.24 2.21
C LEU A 23 -13.76 32.95 0.90
N TYR A 24 -13.78 33.95 0.03
CA TYR A 24 -13.12 33.82 -1.26
C TYR A 24 -11.77 34.49 -1.20
N SER A 25 -10.85 33.97 -2.00
CA SER A 25 -9.58 34.63 -2.18
C SER A 25 -9.76 35.94 -2.97
N GLU A 26 -8.79 36.84 -2.88
CA GLU A 26 -8.79 38.03 -3.73
C GLU A 26 -9.05 37.63 -5.17
N TYR A 27 -10.03 38.28 -5.81
CA TYR A 27 -10.47 37.80 -7.11
C TYR A 27 -9.41 38.10 -8.17
N ASP A 28 -9.33 37.21 -9.15
CA ASP A 28 -8.44 37.32 -10.31
C ASP A 28 -7.08 37.90 -9.95
N PRO A 29 -6.21 37.15 -9.28
CA PRO A 29 -4.81 37.56 -9.17
C PRO A 29 -4.06 37.26 -10.45
N THR A 30 -2.91 37.91 -10.59
CA THR A 30 -2.03 37.61 -11.71
C THR A 30 -1.51 36.19 -11.55
N ARG A 31 -1.87 35.32 -12.48
CA ARG A 31 -1.42 33.93 -12.47
C ARG A 31 -0.47 33.73 -13.63
N PRO A 32 0.65 33.00 -13.49
CA PRO A 32 1.03 32.20 -12.30
C PRO A 32 1.52 33.06 -11.17
N PHE A 33 1.67 32.46 -10.00
CA PHE A 33 2.08 33.18 -8.80
C PHE A 33 3.60 33.29 -8.70
N SER A 34 4.04 34.32 -7.98
CA SER A 34 5.38 34.35 -7.41
C SER A 34 5.25 33.90 -5.96
N GLU A 35 6.40 33.69 -5.31
CA GLU A 35 6.39 33.39 -3.88
C GLU A 35 5.74 34.53 -3.11
N ALA A 36 6.10 35.77 -3.45
CA ALA A 36 5.57 36.92 -2.74
C ALA A 36 4.07 37.05 -2.94
N SER A 37 3.60 36.82 -4.16
CA SER A 37 2.19 37.07 -4.47
C SER A 37 1.31 35.99 -3.90
N MET A 38 1.76 34.75 -3.93
CA MET A 38 1.00 33.70 -3.28
C MET A 38 0.88 33.93 -1.79
N MET A 39 2.01 34.20 -1.13
CA MET A 39 1.95 34.53 0.29
C MET A 39 1.04 35.72 0.53
N GLY A 40 1.09 36.72 -0.35
CA GLY A 40 0.17 37.85 -0.26
C GLY A 40 -1.29 37.46 -0.31
N LEU A 41 -1.63 36.55 -1.21
CA LEU A 41 -3.02 36.09 -1.30
C LEU A 41 -3.41 35.24 -0.09
N LEU A 42 -2.48 34.42 0.38
CA LEU A 42 -2.81 33.56 1.51
C LEU A 42 -2.90 34.37 2.79
N THR A 43 -2.00 35.35 2.96
CA THR A 43 -2.05 36.20 4.14
C THR A 43 -3.34 37.00 4.17
N ASN A 44 -3.73 37.55 3.00
CA ASN A 44 -4.93 38.37 2.95
C ASN A 44 -6.14 37.56 3.33
N LEU A 45 -6.18 36.29 2.88
CA LEU A 45 -7.33 35.43 3.17
C LEU A 45 -7.38 35.07 4.64
N ALA A 46 -6.20 34.77 5.23
CA ALA A 46 -6.06 34.42 6.64
C ALA A 46 -6.47 35.57 7.53
N ASP A 47 -6.04 36.79 7.18
CA ASP A 47 -6.42 37.97 7.96
C ASP A 47 -7.94 38.15 7.99
N ARG A 48 -8.60 37.86 6.88
CA ARG A 48 -10.05 38.00 6.82
C ARG A 48 -10.74 36.84 7.52
N GLU A 49 -10.20 35.63 7.43
CA GLU A 49 -10.79 34.53 8.19
C GLU A 49 -10.65 34.72 9.68
N LEU A 50 -9.63 35.44 10.13
CA LEU A 50 -9.40 35.58 11.55
C LEU A 50 -10.57 36.26 12.24
N VAL A 51 -11.10 37.31 11.63
CA VAL A 51 -12.23 38.01 12.22
C VAL A 51 -13.38 37.05 12.45
N HIS A 52 -13.70 36.24 11.46
CA HIS A 52 -14.82 35.31 11.63
C HIS A 52 -14.48 34.21 12.65
N MET A 53 -13.22 33.83 12.79
CA MET A 53 -12.82 32.88 13.82
C MET A 53 -13.08 33.42 15.21
N ILE A 54 -12.88 34.70 15.41
CA ILE A 54 -13.15 35.26 16.73
C ILE A 54 -14.62 35.20 17.03
N ASN A 55 -15.45 35.41 16.00
CA ASN A 55 -16.90 35.41 16.18
C ASN A 55 -17.37 34.02 16.49
N TRP A 56 -16.86 33.04 15.72
CA TRP A 56 -17.09 31.64 16.03
C TRP A 56 -16.68 31.30 17.47
N ALA A 57 -15.45 31.64 17.87
CA ALA A 57 -14.96 31.27 19.20
C ALA A 57 -15.90 31.76 20.29
N LYS A 58 -16.42 32.97 20.15
CA LYS A 58 -17.30 33.54 21.15
C LYS A 58 -18.58 32.77 21.27
N ARG A 59 -18.98 32.00 20.25
CA ARG A 59 -20.15 31.14 20.30
C ARG A 59 -19.86 29.67 20.65
N VAL A 60 -18.61 29.29 20.89
CA VAL A 60 -18.29 27.94 21.34
C VAL A 60 -18.74 27.91 22.79
N PRO A 61 -19.64 27.02 23.17
CA PRO A 61 -20.15 27.01 24.55
C PRO A 61 -19.05 26.98 25.60
N GLY A 62 -19.13 27.88 26.57
CA GLY A 62 -18.13 27.93 27.60
C GLY A 62 -16.94 28.83 27.32
N PHE A 63 -16.70 29.25 26.08
CA PHE A 63 -15.51 30.05 25.78
C PHE A 63 -15.60 31.44 26.41
N VAL A 64 -16.77 32.09 26.33
CA VAL A 64 -16.85 33.46 26.88
C VAL A 64 -16.98 33.47 28.39
N ASP A 65 -17.08 32.30 29.03
CA ASP A 65 -17.03 32.25 30.49
C ASP A 65 -15.62 32.58 30.99
N LEU A 66 -14.64 32.46 30.13
CA LEU A 66 -13.26 32.71 30.50
C LEU A 66 -13.02 34.21 30.54
N THR A 67 -11.96 34.61 31.26
CA THR A 67 -11.49 35.98 31.18
C THR A 67 -11.06 36.29 29.74
N SER A 68 -11.09 37.57 29.40
CA SER A 68 -10.64 37.98 28.08
C SER A 68 -9.19 37.57 27.87
N HIS A 69 -8.35 37.71 28.89
CA HIS A 69 -6.95 37.30 28.76
C HIS A 69 -6.80 35.83 28.40
N ASP A 70 -7.56 34.95 29.08
CA ASP A 70 -7.50 33.52 28.77
C ASP A 70 -8.08 33.20 27.40
N GLN A 71 -9.11 33.93 26.97
CA GLN A 71 -9.62 33.79 25.61
C GLN A 71 -8.55 34.18 24.58
N VAL A 72 -7.84 35.27 24.80
CA VAL A 72 -6.79 35.59 23.84
C VAL A 72 -5.70 34.50 23.84
N HIS A 73 -5.31 34.02 25.02
CA HIS A 73 -4.23 33.03 25.06
C HIS A 73 -4.60 31.78 24.28
N LEU A 74 -5.86 31.35 24.41
CA LEU A 74 -6.30 30.19 23.67
C LEU A 74 -6.29 30.48 22.17
N LEU A 75 -6.65 31.68 21.77
CA LEU A 75 -6.68 31.95 20.34
C LEU A 75 -5.28 32.09 19.76
N GLU A 76 -4.39 32.71 20.54
CA GLU A 76 -2.98 32.83 20.16
C GLU A 76 -2.36 31.46 19.86
N YCM A 77 -2.89 30.41 20.49
CA YCM A 77 -2.22 29.15 20.66
CB YCM A 77 -2.40 28.52 22.04
SG YCM A 77 -1.21 29.13 23.21
CD YCM A 77 0.40 28.41 22.84
CE YCM A 77 0.53 26.92 23.14
OZ1 YCM A 77 0.47 26.06 22.22
NZ2 YCM A 77 0.71 26.52 24.43
C YCM A 77 -2.78 28.27 19.52
O YCM A 77 -2.14 27.42 18.87
H YCM A 77 -3.88 30.27 20.60
HA YCM A 77 -1.09 29.22 20.60
HB2 YCM A 77 -2.28 27.41 21.99
HB3 YCM A 77 -3.41 28.74 22.46
HD2 YCM A 77 1.20 28.93 23.43
HD3 YCM A 77 0.63 28.54 21.75
HZ21 YCM A 77 0.74 27.20 25.15
HZ22 YCM A 77 0.78 25.56 24.66
N ALA A 78 -4.08 28.50 19.27
CA ALA A 78 -4.86 27.68 18.30
C ALA A 78 -5.08 28.19 16.87
N TRP A 79 -4.90 29.48 16.63
CA TRP A 79 -5.46 30.08 15.43
C TRP A 79 -4.97 29.37 14.18
N LEU A 80 -3.68 29.03 14.12
CA LEU A 80 -3.19 28.46 12.87
C LEU A 80 -3.66 27.01 12.73
N GLU A 81 -3.75 26.28 13.86
CA GLU A 81 -4.40 24.97 13.84
C GLU A 81 -5.87 25.04 13.37
N ILE A 82 -6.63 26.04 13.81
CA ILE A 82 -8.03 26.16 13.41
C ILE A 82 -8.12 26.47 11.92
N LEU A 83 -7.31 27.40 11.43
CA LEU A 83 -7.30 27.68 10.00
C LEU A 83 -6.98 26.43 9.19
N MET A 84 -6.03 25.61 9.70
CA MET A 84 -5.52 24.43 9.00
C MET A 84 -6.55 23.33 8.96
N ILE A 85 -7.24 23.11 10.07
CA ILE A 85 -8.23 22.04 10.05
C ILE A 85 -9.41 22.43 9.16
N GLY A 86 -9.76 23.72 9.15
CA GLY A 86 -10.77 24.19 8.22
C GLY A 86 -10.40 23.95 6.77
N LEU A 87 -9.14 24.23 6.42
CA LEU A 87 -8.62 23.94 5.09
C LEU A 87 -8.71 22.47 4.79
N VAL A 88 -8.27 21.63 5.73
CA VAL A 88 -8.32 20.18 5.51
C VAL A 88 -9.75 19.74 5.24
N TRP A 89 -10.70 20.24 6.05
CA TRP A 89 -12.11 19.91 5.85
C TRP A 89 -12.58 20.38 4.48
N ARG A 90 -12.28 21.63 4.09
CA ARG A 90 -12.69 22.12 2.77
C ARG A 90 -12.15 21.25 1.64
N SER A 91 -11.03 20.61 1.85
CA SER A 91 -10.28 19.94 0.82
C SER A 91 -10.60 18.46 0.74
N MET A 92 -11.41 17.94 1.69
CA MET A 92 -11.66 16.51 1.78
C MET A 92 -12.16 15.95 0.45
N GLU A 93 -13.11 16.64 -0.20
CA GLU A 93 -13.70 16.17 -1.44
C GLU A 93 -12.86 16.50 -2.69
N HIS A 94 -11.60 16.89 -2.52
CA HIS A 94 -10.72 17.28 -3.62
C HIS A 94 -9.40 16.56 -3.46
N PRO A 95 -9.39 15.25 -3.69
CA PRO A 95 -8.15 14.48 -3.48
C PRO A 95 -6.99 15.07 -4.25
N GLY A 96 -5.86 15.22 -3.55
CA GLY A 96 -4.67 15.77 -4.14
C GLY A 96 -4.61 17.26 -4.25
N LYS A 97 -5.61 17.97 -3.73
CA LYS A 97 -5.68 19.42 -3.87
C LYS A 97 -6.08 20.03 -2.53
N LEU A 98 -5.73 21.30 -2.34
CA LEU A 98 -6.09 22.06 -1.16
C LEU A 98 -7.03 23.18 -1.58
N LEU A 99 -8.21 23.24 -0.96
CA LEU A 99 -9.23 24.23 -1.32
C LEU A 99 -9.10 25.39 -0.35
N PHE A 100 -8.15 26.27 -0.65
CA PHE A 100 -7.95 27.43 0.20
C PHE A 100 -9.18 28.31 0.19
N ALA A 101 -9.80 28.47 -0.99
CA ALA A 101 -11.06 29.16 -1.20
C ALA A 101 -11.74 28.58 -2.43
N PRO A 102 -13.07 28.72 -2.54
CA PRO A 102 -13.77 28.18 -3.71
C PRO A 102 -13.15 28.63 -5.04
N ASN A 103 -12.44 29.74 -5.03
CA ASN A 103 -11.77 30.24 -6.23
C ASN A 103 -10.25 30.14 -6.13
N LEU A 104 -9.73 29.31 -5.22
CA LEU A 104 -8.29 29.15 -5.03
C LEU A 104 -8.07 27.68 -4.65
N LEU A 105 -8.09 26.81 -5.66
CA LEU A 105 -7.90 25.37 -5.49
C LEU A 105 -6.53 25.04 -6.05
N LEU A 106 -5.61 24.66 -5.18
CA LEU A 106 -4.22 24.46 -5.55
C LEU A 106 -3.79 23.00 -5.40
N ASP A 107 -3.04 22.50 -6.37
CA ASP A 107 -2.48 21.18 -6.21
C ASP A 107 -1.09 21.29 -5.63
N ARG A 108 -0.50 20.14 -5.31
CA ARG A 108 0.80 20.09 -4.63
C ARG A 108 1.86 20.86 -5.39
N ASN A 109 1.91 20.72 -6.70
CA ASN A 109 2.98 21.32 -7.48
C ASN A 109 2.96 22.83 -7.43
N GLN A 110 1.83 23.45 -7.07
CA GLN A 110 1.79 24.89 -6.87
C GLN A 110 2.27 25.30 -5.48
N GLY A 111 2.27 24.38 -4.51
CA GLY A 111 2.94 24.71 -3.26
C GLY A 111 4.43 24.90 -3.41
N LYS A 112 5.01 24.40 -4.51
CA LYS A 112 6.43 24.57 -4.78
C LYS A 112 6.79 26.06 -4.95
N CYS A 113 5.87 26.84 -5.52
CA CYS A 113 6.18 28.23 -5.84
C CYS A 113 6.58 29.02 -4.60
N VAL A 114 6.33 28.52 -3.41
CA VAL A 114 6.80 29.14 -2.18
C VAL A 114 7.81 28.19 -1.54
N GLU A 115 8.97 28.72 -1.14
CA GLU A 115 10.04 27.87 -0.62
C GLU A 115 9.63 27.31 0.72
N GLY A 116 9.68 26.00 0.85
CA GLY A 116 9.40 25.32 2.09
C GLY A 116 7.96 24.89 2.27
N MET A 117 7.03 25.37 1.43
CA MET A 117 5.63 25.10 1.65
C MET A 117 5.16 23.77 1.09
N VAL A 118 5.91 23.15 0.18
CA VAL A 118 5.43 21.88 -0.34
C VAL A 118 5.46 20.81 0.76
N GLU A 119 6.37 20.93 1.72
CA GLU A 119 6.35 19.98 2.82
C GLU A 119 5.04 20.11 3.60
N ILE A 120 4.65 21.33 3.91
CA ILE A 120 3.43 21.57 4.66
C ILE A 120 2.22 21.23 3.80
N PHE A 121 2.27 21.56 2.51
CA PHE A 121 1.20 21.12 1.61
C PHE A 121 1.01 19.61 1.73
N ASP A 122 2.12 18.87 1.67
CA ASP A 122 2.05 17.42 1.74
C ASP A 122 1.45 16.93 3.06
N MET A 123 1.78 17.60 4.15
CA MET A 123 1.20 17.22 5.43
C MET A 123 -0.30 17.50 5.46
N LEU A 124 -0.75 18.66 4.92
CA LEU A 124 -2.17 18.98 4.89
C LEU A 124 -2.94 17.99 4.04
N LEU A 125 -2.38 17.62 2.88
CA LEU A 125 -3.02 16.66 1.98
C LEU A 125 -3.15 15.29 2.63
N ALA A 126 -2.14 14.86 3.39
CA ALA A 126 -2.24 13.60 4.14
C ALA A 126 -3.33 13.65 5.21
N THR A 127 -3.53 14.79 5.86
CA THR A 127 -4.60 14.91 6.85
C THR A 127 -5.98 14.84 6.20
N SER A 128 -6.13 15.49 5.03
CA SER A 128 -7.37 15.39 4.26
C SER A 128 -7.61 13.96 3.79
N SER A 129 -6.58 13.25 3.35
CA SER A 129 -6.76 11.84 3.01
C SER A 129 -7.17 10.99 4.21
N ARG A 130 -6.57 11.22 5.37
CA ARG A 130 -6.99 10.52 6.57
C ARG A 130 -8.45 10.83 6.89
N PHE A 131 -8.86 12.10 6.84
CA PHE A 131 -10.26 12.43 7.13
C PHE A 131 -11.18 11.72 6.16
N ARG A 132 -10.79 11.70 4.88
CA ARG A 132 -11.59 11.02 3.86
C ARG A 132 -11.68 9.53 4.19
N MET A 133 -10.55 8.92 4.51
CA MET A 133 -10.55 7.49 4.79
C MET A 133 -11.49 7.18 5.94
N MET A 134 -11.47 8.02 6.96
CA MET A 134 -12.28 7.80 8.14
C MET A 134 -13.74 8.20 7.94
N ASN A 135 -14.07 8.82 6.81
CA ASN A 135 -15.41 9.30 6.57
C ASN A 135 -15.83 10.25 7.68
N LEU A 136 -14.95 11.20 8.00
CA LEU A 136 -15.24 12.20 9.01
C LEU A 136 -16.54 12.91 8.69
N GLN A 137 -17.40 13.04 9.69
CA GLN A 137 -18.68 13.73 9.55
C GLN A 137 -18.61 15.20 10.00
N GLY A 138 -19.44 16.04 9.38
CA GLY A 138 -19.47 17.45 9.74
C GLY A 138 -19.64 17.71 11.22
N GLU A 139 -20.56 16.99 11.86
CA GLU A 139 -20.77 17.13 13.30
C GLU A 139 -19.53 16.77 14.11
N GLU A 140 -18.74 15.80 13.64
CA GLU A 140 -17.47 15.47 14.28
C GLU A 140 -16.44 16.58 14.04
N PHE A 141 -16.35 17.09 12.82
CA PHE A 141 -15.40 18.17 12.53
C PHE A 141 -15.59 19.35 13.48
N VAL A 142 -16.84 19.80 13.65
CA VAL A 142 -17.07 20.97 14.50
C VAL A 142 -16.64 20.68 15.93
N CYS A 143 -16.87 19.47 16.40
CA CYS A 143 -16.43 19.14 17.75
C CYS A 143 -14.92 19.18 17.81
N LEU A 144 -14.24 18.65 16.78
CA LEU A 144 -12.78 18.60 16.77
C LEU A 144 -12.19 19.99 16.76
N LYS A 145 -12.82 20.90 16.00
CA LYS A 145 -12.31 22.26 15.89
C LYS A 145 -12.46 22.97 17.24
N SER A 146 -13.57 22.70 17.94
CA SER A 146 -13.78 23.30 19.26
C SER A 146 -12.79 22.77 20.29
N ILE A 147 -12.46 21.47 20.22
CA ILE A 147 -11.44 20.89 21.09
C ILE A 147 -10.14 21.63 20.91
N ILE A 148 -9.72 21.86 19.64
CA ILE A 148 -8.47 22.57 19.34
C ILE A 148 -8.44 23.91 20.04
N LEU A 149 -9.55 24.66 19.96
CA LEU A 149 -9.63 25.98 20.56
C LEU A 149 -9.38 25.93 22.05
N LEU A 150 -10.04 24.99 22.75
CA LEU A 150 -9.98 24.93 24.20
C LEU A 150 -8.71 24.23 24.66
N ASN A 151 -8.18 23.25 23.88
CA ASN A 151 -7.08 22.41 24.37
C ASN A 151 -5.71 23.00 24.08
N SER A 152 -5.50 23.57 22.89
CA SER A 152 -4.14 23.88 22.48
C SER A 152 -3.39 24.75 23.48
N GLY A 153 -4.08 25.67 24.16
CA GLY A 153 -3.40 26.63 25.03
C GLY A 153 -3.67 26.42 26.50
N VAL A 154 -4.46 25.40 26.85
CA VAL A 154 -4.85 25.28 28.25
C VAL A 154 -3.67 24.92 29.15
N TYR A 155 -2.68 24.18 28.61
CA TYR A 155 -1.56 23.68 29.40
C TYR A 155 -0.46 24.71 29.59
N THR A 156 -0.48 25.82 28.85
CA THR A 156 0.48 26.90 29.02
C THR A 156 -0.18 28.11 29.69
N PHE A 157 -1.27 27.90 30.42
CA PHE A 157 -1.74 28.96 31.30
C PHE A 157 -0.67 29.19 32.37
N LEU A 158 -0.59 30.41 32.88
CA LEU A 158 0.27 30.66 34.04
C LEU A 158 -0.28 29.94 35.25
N SER A 159 -1.57 30.16 35.55
CA SER A 159 -2.38 29.11 36.12
C SER A 159 -1.86 28.66 37.49
N SER A 160 -1.60 29.63 38.36
CA SER A 160 -1.12 29.35 39.69
C SER A 160 -1.94 29.94 40.82
N THR A 161 -3.05 30.61 40.53
CA THR A 161 -3.94 31.09 41.59
C THR A 161 -5.23 30.26 41.61
N LEU A 162 -6.09 30.55 42.58
CA LEU A 162 -7.36 29.85 42.65
C LEU A 162 -8.21 30.16 41.41
N LYS A 163 -8.22 31.41 40.96
CA LYS A 163 -8.99 31.76 39.77
C LYS A 163 -8.52 30.98 38.56
N SER A 164 -7.21 30.83 38.42
CA SER A 164 -6.70 30.13 37.24
C SER A 164 -7.04 28.65 37.32
N LEU A 165 -6.85 28.04 38.50
CA LEU A 165 -7.30 26.67 38.69
C LEU A 165 -8.77 26.52 38.30
N GLU A 166 -9.59 27.51 38.64
CA GLU A 166 -11.00 27.50 38.22
C GLU A 166 -11.13 27.58 36.71
N GLU A 167 -10.35 28.45 36.05
CA GLU A 167 -10.41 28.56 34.59
C GLU A 167 -10.04 27.25 33.93
N LYS A 168 -8.88 26.68 34.31
CA LYS A 168 -8.45 25.42 33.72
C LYS A 168 -9.47 24.32 33.99
N ASP A 169 -10.01 24.27 35.21
CA ASP A 169 -11.02 23.27 35.53
C ASP A 169 -12.22 23.40 34.61
N HIS A 170 -12.66 24.64 34.36
CA HIS A 170 -13.79 24.91 33.50
C HIS A 170 -13.51 24.45 32.08
N ILE A 171 -12.34 24.81 31.55
CA ILE A 171 -11.97 24.34 30.22
C ILE A 171 -12.04 22.81 30.13
N HIS A 172 -11.53 22.11 31.14
CA HIS A 172 -11.51 20.66 31.06
C HIS A 172 -12.90 20.06 31.19
N ARG A 173 -13.79 20.74 31.93
CA ARG A 173 -15.18 20.28 31.99
C ARG A 173 -15.88 20.48 30.66
N VAL A 174 -15.64 21.61 29.98
CA VAL A 174 -16.23 21.80 28.65
C VAL A 174 -15.69 20.76 27.67
N LEU A 175 -14.38 20.50 27.73
CA LEU A 175 -13.75 19.50 26.86
C LEU A 175 -14.33 18.10 27.12
N ASP A 176 -14.64 17.80 28.40
CA ASP A 176 -15.34 16.55 28.72
C ASP A 176 -16.72 16.54 28.07
N LYS A 177 -17.39 17.68 28.05
CA LYS A 177 -18.71 17.73 27.44
C LYS A 177 -18.62 17.48 25.93
N ILE A 178 -17.57 17.99 25.27
CA ILE A 178 -17.41 17.76 23.84
C ILE A 178 -17.04 16.31 23.59
N THR A 179 -16.20 15.69 24.46
CA THR A 179 -16.02 14.25 24.34
C THR A 179 -17.34 13.50 24.46
N ASP A 180 -18.16 13.80 25.49
CA ASP A 180 -19.51 13.21 25.62
C ASP A 180 -20.30 13.36 24.31
N THR A 181 -20.16 14.52 23.68
CA THR A 181 -20.90 14.80 22.46
C THR A 181 -20.44 13.93 21.33
N LEU A 182 -19.12 13.84 21.12
CA LEU A 182 -18.54 13.00 20.07
C LEU A 182 -18.95 11.55 20.25
N ILE A 183 -18.92 11.06 21.49
CA ILE A 183 -19.37 9.71 21.78
C ILE A 183 -20.86 9.56 21.47
N HIS A 184 -21.68 10.55 21.87
CA HIS A 184 -23.12 10.47 21.58
C HIS A 184 -23.38 10.37 20.08
N LEU A 185 -22.72 11.23 19.29
CA LEU A 185 -22.86 11.18 17.84
C LEU A 185 -22.50 9.81 17.30
N MET A 186 -21.47 9.21 17.88
CA MET A 186 -21.02 7.92 17.38
C MET A 186 -21.99 6.81 17.78
N ALA A 187 -22.50 6.84 19.01
CA ALA A 187 -23.50 5.87 19.42
C ALA A 187 -24.77 5.98 18.57
N LYS A 188 -25.22 7.21 18.31
CA LYS A 188 -26.43 7.38 17.52
C LYS A 188 -26.26 6.83 16.12
N ALA A 189 -25.03 6.82 15.60
CA ALA A 189 -24.76 6.32 14.26
C ALA A 189 -24.67 4.82 14.22
N GLY A 190 -24.75 4.16 15.36
CA GLY A 190 -24.73 2.71 15.39
C GLY A 190 -23.41 2.04 15.70
N LEU A 191 -22.38 2.80 16.09
CA LEU A 191 -21.10 2.20 16.44
C LEU A 191 -21.22 1.46 17.79
N THR A 192 -20.61 0.29 17.85
CA THR A 192 -20.48 -0.39 19.13
C THR A 192 -19.68 0.47 20.11
N LEU A 193 -19.73 0.12 21.40
CA LEU A 193 -18.89 0.80 22.37
C LEU A 193 -17.41 0.70 21.98
N GLN A 194 -16.97 -0.49 21.57
CA GLN A 194 -15.58 -0.64 21.16
C GLN A 194 -15.25 0.30 20.00
N GLN A 195 -16.14 0.36 19.01
CA GLN A 195 -15.85 1.22 17.85
C GLN A 195 -15.89 2.69 18.24
N GLN A 196 -16.75 3.01 19.20
CA GLN A 196 -16.87 4.38 19.66
C GLN A 196 -15.54 4.87 20.23
N HIS A 197 -14.95 4.09 21.17
CA HIS A 197 -13.72 4.50 21.81
CA HIS A 197 -13.72 4.54 21.80
C HIS A 197 -12.57 4.49 20.81
N GLN A 198 -12.60 3.58 19.83
CA GLN A 198 -11.49 3.52 18.88
C GLN A 198 -11.49 4.71 17.96
N ARG A 199 -12.68 5.14 17.53
CA ARG A 199 -12.86 6.28 16.64
C ARG A 199 -12.55 7.58 17.37
N LEU A 200 -13.02 7.71 18.61
CA LEU A 200 -12.63 8.89 19.39
C LEU A 200 -11.11 9.04 19.46
N ALA A 201 -10.41 7.96 19.80
CA ALA A 201 -8.95 8.02 19.88
C ALA A 201 -8.32 8.34 18.52
N GLN A 202 -8.81 7.72 17.44
CA GLN A 202 -8.30 8.00 16.09
C GLN A 202 -8.42 9.49 15.80
N LEU A 203 -9.56 10.10 16.17
CA LEU A 203 -9.77 11.52 15.85
C LEU A 203 -8.88 12.44 16.69
N LEU A 204 -8.77 12.16 18.00
CA LEU A 204 -7.94 12.98 18.87
C LEU A 204 -6.45 12.84 18.54
N LEU A 205 -5.99 11.67 18.15
CA LEU A 205 -4.59 11.56 17.74
C LEU A 205 -4.26 12.35 16.46
N ILE A 206 -5.20 12.52 15.52
CA ILE A 206 -4.94 13.41 14.38
C ILE A 206 -4.69 14.84 14.87
N LEU A 207 -5.25 15.18 16.01
CA LEU A 207 -4.99 16.51 16.51
C LEU A 207 -3.53 16.74 16.77
N SER A 208 -2.77 15.69 17.18
CA SER A 208 -1.34 15.85 17.42
C SER A 208 -0.61 16.19 16.12
N HIS A 209 -1.05 15.61 15.00
CA HIS A 209 -0.45 15.95 13.71
C HIS A 209 -0.81 17.37 13.28
N ILE A 210 -2.03 17.82 13.59
CA ILE A 210 -2.40 19.19 13.25
C ILE A 210 -1.57 20.19 14.03
N ARG A 211 -1.28 19.88 15.31
CA ARG A 211 -0.29 20.63 16.08
C ARG A 211 1.05 20.68 15.39
N HIS A 212 1.58 19.53 15.04
CA HIS A 212 2.85 19.50 14.31
C HIS A 212 2.84 20.44 13.11
N MET A 213 1.83 20.29 12.24
CA MET A 213 1.73 21.12 11.05
C MET A 213 1.75 22.60 11.40
N SER A 214 1.00 23.00 12.45
CA SER A 214 0.98 24.41 12.88
C SER A 214 2.36 24.88 13.30
N ASN A 215 3.04 24.08 14.14
CA ASN A 215 4.40 24.41 14.55
C ASN A 215 5.32 24.60 13.32
N LYS A 216 5.24 23.70 12.35
CA LYS A 216 6.10 23.85 11.18
C LYS A 216 5.68 25.04 10.33
N GLY A 217 4.37 25.29 10.23
CA GLY A 217 3.90 26.49 9.55
C GLY A 217 4.41 27.75 10.20
N MET A 218 4.29 27.87 11.53
CA MET A 218 4.85 28.99 12.28
C MET A 218 6.34 29.16 11.97
N GLU A 219 7.09 28.06 12.00
CA GLU A 219 8.50 28.13 11.69
C GLU A 219 8.73 28.87 10.38
N HIS A 220 7.91 28.59 9.37
CA HIS A 220 8.17 29.18 8.05
C HIS A 220 7.60 30.59 7.93
N LEU A 221 6.47 30.89 8.58
CA LEU A 221 6.05 32.27 8.68
C LEU A 221 7.13 33.12 9.34
N TYR A 222 8.08 32.50 10.04
CA TYR A 222 9.24 33.18 10.60
C TYR A 222 10.46 33.09 9.69
N SER A 223 10.69 31.91 9.09
CA SER A 223 11.84 31.75 8.21
C SER A 223 11.77 32.73 7.04
N MET A 224 10.57 32.93 6.49
CA MET A 224 10.35 33.93 5.45
C MET A 224 10.26 35.36 6.01
N LYS A 225 10.68 35.58 7.27
CA LYS A 225 10.68 36.91 7.87
C LYS A 225 9.30 37.56 7.72
N CYS A 226 8.26 36.77 8.02
CA CYS A 226 6.88 37.22 7.94
C CYS A 226 6.18 37.06 9.29
N LYS A 227 6.86 37.47 10.37
CA LYS A 227 6.27 37.39 11.70
C LYS A 227 5.15 38.40 11.91
N ASN A 228 5.16 39.53 11.19
CA ASN A 228 4.08 40.51 11.22
C ASN A 228 2.80 39.97 10.56
N VAL A 229 2.80 38.73 10.07
CA VAL A 229 1.58 38.05 9.63
C VAL A 229 0.83 37.41 10.80
N VAL A 230 1.47 37.25 11.94
CA VAL A 230 0.89 36.52 13.07
C VAL A 230 0.04 37.51 13.87
N PRO A 231 -1.20 37.18 14.22
CA PRO A 231 -2.03 38.18 14.94
C PRO A 231 -1.48 38.41 16.34
N SER A 232 -1.30 39.68 16.69
CA SER A 232 -0.77 40.03 18.01
C SER A 232 -1.80 39.78 19.10
N TYR A 233 -1.31 39.73 20.33
CA TYR A 233 -2.18 39.72 21.49
C TYR A 233 -3.18 40.87 21.41
N ASP A 234 -2.68 42.08 21.13
CA ASP A 234 -3.53 43.26 21.10
C ASP A 234 -4.60 43.16 20.03
N LEU A 235 -4.24 42.68 18.85
CA LEU A 235 -5.22 42.56 17.79
C LEU A 235 -6.32 41.58 18.19
N LEU A 236 -5.92 40.42 18.71
CA LEU A 236 -6.91 39.44 19.11
C LEU A 236 -7.81 40.03 20.18
N LEU A 237 -7.23 40.70 21.17
CA LEU A 237 -8.03 41.27 22.24
C LEU A 237 -9.02 42.29 21.70
N GLU A 238 -8.57 43.13 20.78
CA GLU A 238 -9.45 44.12 20.19
C GLU A 238 -10.62 43.43 19.49
N MET A 239 -10.34 42.38 18.73
CA MET A 239 -11.45 41.73 18.03
C MET A 239 -12.43 41.07 18.99
N LEU A 240 -11.94 40.59 20.14
CA LEU A 240 -12.82 39.97 21.12
C LEU A 240 -13.72 41.00 21.80
N ASP A 241 -13.17 42.15 22.16
CA ASP A 241 -13.98 43.16 22.84
C ASP A 241 -14.99 43.78 21.90
N ALA A 242 -14.62 43.96 20.63
CA ALA A 242 -15.52 44.55 19.65
C ALA A 242 -16.47 43.48 19.13
N SER B 1 -0.87 -10.97 13.10
CA SER B 1 0.07 -10.34 14.02
C SER B 1 -0.17 -10.76 15.46
N LEU B 2 0.90 -11.08 16.19
CA LEU B 2 0.74 -11.47 17.59
C LEU B 2 0.17 -10.32 18.38
N ALA B 3 0.60 -9.10 18.06
CA ALA B 3 0.11 -7.92 18.76
C ALA B 3 -1.40 -7.84 18.77
N LEU B 4 -2.03 -8.14 17.63
CA LEU B 4 -3.48 -7.97 17.52
C LEU B 4 -4.26 -9.03 18.28
N SER B 5 -3.61 -10.08 18.77
CA SER B 5 -4.28 -11.11 19.55
C SER B 5 -4.12 -10.90 21.05
N LEU B 6 -3.42 -9.86 21.46
CA LEU B 6 -3.18 -9.67 22.88
C LEU B 6 -4.42 -9.14 23.59
N THR B 7 -4.67 -9.63 24.81
CA THR B 7 -5.65 -9.00 25.66
C THR B 7 -5.06 -7.71 26.24
N ALA B 8 -5.93 -6.92 26.86
CA ALA B 8 -5.47 -5.70 27.54
C ALA B 8 -4.40 -6.02 28.57
N ASP B 9 -4.61 -7.05 29.38
CA ASP B 9 -3.65 -7.39 30.43
C ASP B 9 -2.32 -7.85 29.84
N GLN B 10 -2.37 -8.57 28.71
CA GLN B 10 -1.13 -9.01 28.07
C GLN B 10 -0.37 -7.85 27.41
N MET B 11 -1.11 -6.87 26.88
CA MET B 11 -0.48 -5.68 26.34
C MET B 11 0.21 -4.91 27.45
N VAL B 12 -0.44 -4.74 28.61
CA VAL B 12 0.18 -3.94 29.68
C VAL B 12 1.43 -4.65 30.19
N SER B 13 1.33 -5.97 30.39
CA SER B 13 2.47 -6.74 30.86
C SER B 13 3.64 -6.64 29.91
N ALA B 14 3.38 -6.78 28.61
CA ALA B 14 4.44 -6.62 27.62
C ALA B 14 5.11 -5.27 27.75
N LEU B 15 4.30 -4.20 27.91
CA LEU B 15 4.87 -2.85 27.90
C LEU B 15 5.60 -2.57 29.20
N LEU B 16 5.06 -3.03 30.32
CA LEU B 16 5.75 -2.90 31.59
C LEU B 16 7.09 -3.65 31.55
N ASP B 17 7.11 -4.84 30.96
CA ASP B 17 8.35 -5.61 30.91
C ASP B 17 9.39 -4.90 30.07
N ALA B 18 8.99 -4.21 29.02
CA ALA B 18 9.92 -3.55 28.12
C ALA B 18 10.46 -2.23 28.69
N GLU B 19 9.98 -1.77 29.83
CA GLU B 19 10.31 -0.42 30.29
C GLU B 19 11.81 -0.30 30.47
N PRO B 20 12.44 0.79 30.04
CA PRO B 20 13.86 0.93 30.26
C PRO B 20 14.16 1.35 31.69
N PRO B 21 15.40 1.29 32.12
CA PRO B 21 15.74 1.70 33.49
C PRO B 21 15.89 3.22 33.55
N ILE B 22 15.79 3.75 34.77
CA ILE B 22 16.10 5.16 35.01
C ILE B 22 17.62 5.26 35.13
N LEU B 23 18.25 5.96 34.19
CA LEU B 23 19.68 6.16 34.15
C LEU B 23 20.08 7.33 35.04
N TYR B 24 21.36 7.36 35.35
CA TYR B 24 21.93 8.44 36.14
C TYR B 24 22.78 9.37 35.28
N SER B 25 22.83 10.64 35.67
CA SER B 25 23.81 11.56 35.12
C SER B 25 25.19 11.12 35.55
N GLU B 26 26.18 11.32 34.67
CA GLU B 26 27.55 10.89 34.95
C GLU B 26 28.28 11.83 35.89
N TYR B 27 27.56 12.79 36.47
CA TYR B 27 28.14 13.70 37.44
C TYR B 27 28.78 12.91 38.58
N ASP B 28 29.95 13.40 39.02
CA ASP B 28 30.78 12.70 39.99
C ASP B 28 30.56 13.38 41.35
N PRO B 29 29.98 12.67 42.36
CA PRO B 29 29.49 13.40 43.54
C PRO B 29 30.57 14.01 44.40
N THR B 30 31.72 13.35 44.56
CA THR B 30 32.86 13.86 45.33
C THR B 30 33.58 15.06 44.70
N ARG B 31 33.07 15.60 43.59
CA ARG B 31 33.76 16.66 42.87
C ARG B 31 32.89 17.92 42.82
N SER B 37 28.31 23.20 32.42
CA SER B 37 28.34 21.79 32.78
C SER B 37 27.02 21.14 32.39
N MET B 38 25.96 21.94 32.31
CA MET B 38 24.62 21.40 32.15
C MET B 38 24.37 20.68 30.84
N MET B 39 24.42 21.42 29.73
CA MET B 39 23.99 20.86 28.46
C MET B 39 24.71 19.56 28.14
N GLY B 40 25.97 19.45 28.52
CA GLY B 40 26.68 18.21 28.28
C GLY B 40 26.18 17.06 29.12
N LEU B 41 25.73 17.36 30.36
CA LEU B 41 25.16 16.33 31.22
C LEU B 41 23.85 15.81 30.64
N LEU B 42 23.05 16.72 30.08
CA LEU B 42 21.78 16.30 29.51
C LEU B 42 22.01 15.59 28.19
N THR B 43 22.94 16.09 27.36
CA THR B 43 23.23 15.41 26.09
C THR B 43 23.78 14.02 26.34
N ASN B 44 24.75 13.90 27.24
CA ASN B 44 25.28 12.58 27.58
C ASN B 44 24.17 11.65 28.07
N LEU B 45 23.24 12.17 28.89
CA LEU B 45 22.16 11.35 29.42
C LEU B 45 21.22 10.92 28.29
N ALA B 46 20.86 11.86 27.43
CA ALA B 46 19.92 11.56 26.36
C ALA B 46 20.54 10.58 25.38
N ASP B 47 21.85 10.73 25.11
CA ASP B 47 22.55 9.77 24.26
C ASP B 47 22.46 8.35 24.82
N ARG B 48 22.61 8.21 26.14
CA ARG B 48 22.52 6.88 26.73
C ARG B 48 21.08 6.40 26.77
N GLU B 49 20.14 7.32 26.99
CA GLU B 49 18.74 6.95 26.93
C GLU B 49 18.31 6.44 25.56
N LEU B 50 18.87 7.03 24.50
CA LEU B 50 18.46 6.64 23.16
C LEU B 50 18.73 5.16 22.89
N VAL B 51 19.88 4.66 23.36
CA VAL B 51 20.17 3.25 23.11
C VAL B 51 19.11 2.36 23.72
N HIS B 52 18.68 2.69 24.94
CA HIS B 52 17.61 1.95 25.60
C HIS B 52 16.28 2.13 24.89
N MET B 53 15.99 3.31 24.34
CA MET B 53 14.74 3.55 23.64
C MET B 53 14.61 2.63 22.43
N ILE B 54 15.70 2.47 21.67
CA ILE B 54 15.65 1.62 20.48
C ILE B 54 15.25 0.21 20.89
N ASN B 55 15.85 -0.29 21.96
CA ASN B 55 15.55 -1.66 22.36
C ASN B 55 14.20 -1.75 23.04
N TRP B 56 13.76 -0.69 23.71
CA TRP B 56 12.37 -0.65 24.12
C TRP B 56 11.43 -0.73 22.91
N ALA B 57 11.68 0.11 21.89
CA ALA B 57 10.76 0.17 20.76
C ALA B 57 10.56 -1.20 20.13
N LYS B 58 11.65 -1.96 19.98
CA LYS B 58 11.60 -3.29 19.39
C LYS B 58 10.75 -4.25 20.20
N ARG B 59 10.46 -3.93 21.45
CA ARG B 59 9.59 -4.73 22.30
C ARG B 59 8.15 -4.23 22.38
N VAL B 60 7.80 -3.11 21.76
CA VAL B 60 6.43 -2.64 21.73
C VAL B 60 5.69 -3.58 20.77
N PRO B 61 4.67 -4.28 21.24
CA PRO B 61 4.00 -5.24 20.36
C PRO B 61 3.59 -4.57 19.05
N GLY B 62 3.86 -5.25 17.96
CA GLY B 62 3.51 -4.75 16.65
C GLY B 62 4.61 -3.95 15.96
N PHE B 63 5.61 -3.44 16.70
CA PHE B 63 6.59 -2.52 16.11
C PHE B 63 7.54 -3.23 15.18
N VAL B 64 7.91 -4.48 15.51
CA VAL B 64 8.90 -5.17 14.70
C VAL B 64 8.26 -5.84 13.50
N ASP B 65 6.93 -5.84 13.42
CA ASP B 65 6.30 -6.31 12.20
C ASP B 65 6.51 -5.33 11.07
N LEU B 66 6.93 -4.10 11.37
CA LEU B 66 7.16 -3.07 10.37
C LEU B 66 8.50 -3.26 9.70
N THR B 67 8.62 -2.76 8.46
CA THR B 67 9.92 -2.68 7.82
C THR B 67 10.87 -1.83 8.66
N SER B 68 12.17 -2.10 8.51
CA SER B 68 13.18 -1.31 9.19
C SER B 68 13.06 0.17 8.83
N HIS B 69 12.79 0.48 7.56
CA HIS B 69 12.63 1.90 7.18
C HIS B 69 11.47 2.55 7.93
N ASP B 70 10.36 1.86 8.07
CA ASP B 70 9.22 2.44 8.80
C ASP B 70 9.48 2.53 10.29
N GLN B 71 10.18 1.56 10.85
CA GLN B 71 10.59 1.65 12.24
C GLN B 71 11.45 2.87 12.47
N VAL B 72 12.40 3.14 11.58
CA VAL B 72 13.26 4.31 11.72
C VAL B 72 12.45 5.59 11.61
N HIS B 73 11.56 5.66 10.62
CA HIS B 73 10.75 6.86 10.45
C HIS B 73 9.95 7.17 11.72
N LEU B 74 9.39 6.13 12.38
CA LEU B 74 8.62 6.34 13.59
C LEU B 74 9.55 6.82 14.70
N LEU B 75 10.74 6.25 14.79
CA LEU B 75 11.62 6.67 15.87
C LEU B 75 12.13 8.08 15.65
N GLU B 76 12.45 8.43 14.39
CA GLU B 76 12.90 9.76 13.97
C GLU B 76 11.89 10.81 14.45
N YCM B 77 10.60 10.46 14.47
CA YCM B 77 9.56 11.46 14.55
CB YCM B 77 8.30 11.16 13.69
SG YCM B 77 8.36 11.41 11.93
CD YCM B 77 8.21 13.18 11.69
CE YCM B 77 6.84 13.66 12.13
OZ1 YCM B 77 5.82 13.53 11.38
NZ2 YCM B 77 6.74 14.24 13.34
C YCM B 77 9.21 11.56 16.07
O YCM B 77 8.62 12.54 16.61
H YCM B 77 10.26 9.57 14.75
HA YCM B 77 9.90 12.46 14.15
HB2 YCM B 77 7.46 11.81 14.03
HB3 YCM B 77 8.02 10.09 13.81
HD2 YCM B 77 8.36 13.46 10.63
HD3 YCM B 77 8.97 13.73 12.31
HZ21 YCM B 77 7.55 14.33 13.92
HZ22 YCM B 77 5.88 14.57 13.67
N ALA B 78 9.51 10.49 16.80
CA ALA B 78 8.97 10.38 18.17
C ALA B 78 10.01 10.43 19.27
N TRP B 79 11.30 10.45 18.94
CA TRP B 79 12.30 10.20 19.97
C TRP B 79 12.32 11.32 21.02
N LEU B 80 12.22 12.57 20.61
CA LEU B 80 12.26 13.63 21.63
C LEU B 80 11.00 13.67 22.49
N GLU B 81 9.84 13.45 21.88
CA GLU B 81 8.60 13.32 22.64
C GLU B 81 8.62 12.16 23.66
N ILE B 82 9.21 11.02 23.28
CA ILE B 82 9.39 9.89 24.20
C ILE B 82 10.31 10.26 25.36
N LEU B 83 11.47 10.86 25.07
CA LEU B 83 12.32 11.34 26.15
C LEU B 83 11.56 12.25 27.11
N MET B 84 10.86 13.25 26.55
CA MET B 84 10.07 14.22 27.32
C MET B 84 9.01 13.57 28.17
N ILE B 85 8.27 12.59 27.63
CA ILE B 85 7.24 12.01 28.47
C ILE B 85 7.86 11.16 29.59
N GLY B 86 9.01 10.54 29.35
CA GLY B 86 9.71 9.85 30.41
C GLY B 86 10.15 10.83 31.49
N LEU B 87 10.65 11.99 31.07
CA LEU B 87 11.05 13.02 32.02
C LEU B 87 9.89 13.44 32.87
N VAL B 88 8.74 13.68 32.22
CA VAL B 88 7.56 14.19 32.91
C VAL B 88 7.07 13.14 33.91
N TRP B 89 7.05 11.86 33.52
CA TRP B 89 6.68 10.77 34.40
C TRP B 89 7.61 10.69 35.61
N ARG B 90 8.91 10.82 35.39
CA ARG B 90 9.86 10.77 36.49
C ARG B 90 9.61 11.89 37.47
N SER B 91 9.16 13.05 37.00
CA SER B 91 9.11 14.26 37.80
C SER B 91 7.75 14.43 38.48
N MET B 92 6.86 13.46 38.30
CA MET B 92 5.49 13.63 38.75
C MET B 92 5.45 13.91 40.24
N GLU B 93 6.22 13.16 41.05
CA GLU B 93 6.19 13.27 42.50
C GLU B 93 7.09 14.36 43.02
N HIS B 94 7.54 15.28 42.17
CA HIS B 94 8.45 16.36 42.53
C HIS B 94 7.90 17.67 41.99
N PRO B 95 6.79 18.15 42.57
CA PRO B 95 6.17 19.37 42.05
C PRO B 95 7.15 20.52 41.99
N GLY B 96 7.19 21.20 40.86
CA GLY B 96 8.11 22.31 40.70
C GLY B 96 9.50 21.93 40.22
N LYS B 97 9.78 20.65 40.03
CA LYS B 97 11.10 20.18 39.68
C LYS B 97 11.01 19.18 38.55
N LEU B 98 12.10 19.07 37.78
CA LEU B 98 12.22 18.07 36.74
C LEU B 98 13.33 17.09 37.15
N LEU B 99 12.99 15.82 37.21
CA LEU B 99 13.93 14.78 37.62
C LEU B 99 14.56 14.21 36.34
N PHE B 100 15.53 14.94 35.80
CA PHE B 100 16.27 14.43 34.65
C PHE B 100 16.93 13.09 35.00
N ALA B 101 17.50 12.99 36.20
CA ALA B 101 18.00 11.74 36.74
C ALA B 101 17.91 11.80 38.26
N PRO B 102 17.99 10.67 38.95
CA PRO B 102 17.93 10.72 40.41
C PRO B 102 18.98 11.61 41.03
N ASN B 103 20.08 11.85 40.33
CA ASN B 103 21.14 12.75 40.79
C ASN B 103 21.16 14.07 40.00
N LEU B 104 20.05 14.41 39.35
CA LEU B 104 19.98 15.65 38.57
C LEU B 104 18.53 16.12 38.64
N LEU B 105 18.17 16.73 39.76
CA LEU B 105 16.82 17.23 40.00
C LEU B 105 16.89 18.74 39.97
N LEU B 106 16.23 19.35 38.98
CA LEU B 106 16.35 20.77 38.70
C LEU B 106 14.99 21.47 38.81
N ASP B 107 15.05 22.72 39.24
CA ASP B 107 13.85 23.56 39.30
C ASP B 107 13.96 24.67 38.27
N ARG B 108 12.93 25.53 38.23
CA ARG B 108 12.93 26.63 37.27
C ARG B 108 14.26 27.39 37.29
N ASN B 109 14.69 27.80 38.48
CA ASN B 109 15.91 28.61 38.59
C ASN B 109 17.06 28.01 37.79
N GLN B 110 17.18 26.67 37.78
CA GLN B 110 18.22 26.01 37.00
C GLN B 110 17.87 25.92 35.53
N GLY B 111 16.60 26.07 35.18
CA GLY B 111 16.24 26.15 33.78
C GLY B 111 16.60 27.48 33.18
N LYS B 112 16.53 28.54 33.98
CA LYS B 112 16.84 29.89 33.50
C LYS B 112 18.34 30.02 33.19
N CYS B 113 19.19 29.40 34.02
CA CYS B 113 20.63 29.51 33.84
C CYS B 113 21.03 29.04 32.46
N VAL B 114 20.55 27.87 32.05
CA VAL B 114 20.83 27.42 30.69
C VAL B 114 20.24 28.46 29.74
N GLU B 115 20.98 28.79 28.68
CA GLU B 115 20.34 29.45 27.55
C GLU B 115 19.33 28.52 26.90
N GLY B 116 19.44 27.21 27.18
CA GLY B 116 18.35 26.25 27.05
C GLY B 116 17.19 26.66 27.96
N MET B 117 16.10 27.05 27.33
CA MET B 117 15.19 28.00 27.94
C MET B 117 14.40 27.40 29.08
N VAL B 118 13.82 28.32 29.87
CA VAL B 118 12.79 28.00 30.84
C VAL B 118 11.43 27.82 30.17
N GLU B 119 11.23 28.35 28.96
CA GLU B 119 9.97 28.13 28.26
C GLU B 119 9.63 26.65 28.25
N ILE B 120 10.58 25.83 27.79
CA ILE B 120 10.37 24.39 27.68
C ILE B 120 10.30 23.75 29.05
N PHE B 121 11.19 24.16 29.96
CA PHE B 121 11.12 23.75 31.37
C PHE B 121 9.70 23.95 31.90
N ASP B 122 9.14 25.14 31.66
CA ASP B 122 7.82 25.47 32.19
C ASP B 122 6.75 24.59 31.59
N MET B 123 6.84 24.32 30.27
CA MET B 123 5.86 23.47 29.63
C MET B 123 5.95 22.04 30.17
N LEU B 124 7.16 21.58 30.47
CA LEU B 124 7.32 20.22 30.99
C LEU B 124 6.71 20.11 32.39
N LEU B 125 6.93 21.14 33.21
CA LEU B 125 6.36 21.17 34.56
C LEU B 125 4.84 21.12 34.49
N ALA B 126 4.28 21.74 33.45
CA ALA B 126 2.84 21.84 33.40
C ALA B 126 2.30 20.50 33.02
N THR B 127 3.07 19.75 32.23
CA THR B 127 2.62 18.42 31.83
C THR B 127 2.68 17.50 33.03
N SER B 128 3.69 17.69 33.88
CA SER B 128 3.82 16.90 35.10
C SER B 128 2.70 17.21 36.07
N SER B 129 2.38 18.49 36.25
CA SER B 129 1.21 18.88 37.04
C SER B 129 -0.09 18.26 36.54
N ARG B 130 -0.31 18.28 35.23
CA ARG B 130 -1.49 17.63 34.67
C ARG B 130 -1.51 16.14 34.95
N PHE B 131 -0.38 15.45 34.76
CA PHE B 131 -0.34 14.02 35.08
C PHE B 131 -0.65 13.81 36.55
N ARG B 132 -0.03 14.58 37.44
CA ARG B 132 -0.33 14.47 38.87
C ARG B 132 -1.82 14.71 39.13
N MET B 133 -2.36 15.80 38.60
CA MET B 133 -3.76 16.16 38.80
C MET B 133 -4.68 15.03 38.34
N MET B 134 -4.31 14.32 37.28
CA MET B 134 -5.12 13.21 36.79
C MET B 134 -4.84 11.87 37.49
N ASN B 135 -3.88 11.79 38.41
CA ASN B 135 -3.47 10.53 39.00
C ASN B 135 -3.08 9.52 37.93
N LEU B 136 -2.26 9.96 36.98
CA LEU B 136 -1.84 9.07 35.90
C LEU B 136 -1.15 7.86 36.50
N GLN B 137 -1.55 6.66 36.05
CA GLN B 137 -1.01 5.38 36.49
C GLN B 137 0.07 4.87 35.54
N GLY B 138 1.02 4.10 36.11
CA GLY B 138 2.13 3.58 35.31
C GLY B 138 1.68 2.74 34.13
N GLU B 139 0.62 1.94 34.32
CA GLU B 139 0.01 1.18 33.21
C GLU B 139 -0.50 2.10 32.09
N GLU B 140 -1.07 3.25 32.45
CA GLU B 140 -1.50 4.23 31.47
C GLU B 140 -0.33 4.90 30.81
N PHE B 141 0.70 5.25 31.61
CA PHE B 141 1.90 5.88 31.07
C PHE B 141 2.52 5.07 29.94
N VAL B 142 2.68 3.75 30.13
CA VAL B 142 3.40 2.96 29.12
C VAL B 142 2.54 2.87 27.88
N CYS B 143 1.22 2.84 28.07
CA CYS B 143 0.38 2.85 26.88
C CYS B 143 0.60 4.13 26.10
N LEU B 144 0.62 5.27 26.80
CA LEU B 144 0.75 6.56 26.13
C LEU B 144 2.09 6.67 25.39
N LYS B 145 3.16 6.16 26.03
CA LYS B 145 4.49 6.21 25.45
C LYS B 145 4.51 5.41 24.16
N SER B 146 3.87 4.25 24.16
CA SER B 146 3.72 3.47 22.92
C SER B 146 2.82 4.11 21.85
N ILE B 147 1.77 4.85 22.24
CA ILE B 147 0.98 5.60 21.28
C ILE B 147 1.80 6.70 20.66
N ILE B 148 2.68 7.35 21.40
CA ILE B 148 3.55 8.34 20.77
C ILE B 148 4.42 7.69 19.68
N LEU B 149 5.02 6.54 20.01
CA LEU B 149 5.94 5.89 19.08
C LEU B 149 5.24 5.59 17.78
N LEU B 150 4.05 5.04 17.89
CA LEU B 150 3.33 4.59 16.71
C LEU B 150 2.60 5.70 15.96
N ASN B 151 2.07 6.69 16.66
CA ASN B 151 1.27 7.73 16.05
C ASN B 151 2.09 8.87 15.45
N SER B 152 3.23 9.27 16.05
CA SER B 152 3.80 10.59 15.71
C SER B 152 4.27 10.66 14.27
N GLY B 153 4.74 9.55 13.74
CA GLY B 153 5.25 9.47 12.40
C GLY B 153 4.32 8.90 11.38
N VAL B 154 3.14 8.42 11.78
CA VAL B 154 2.31 7.64 10.86
C VAL B 154 1.61 8.46 9.81
N TYR B 155 1.59 9.80 9.93
CA TYR B 155 0.96 10.66 8.94
C TYR B 155 1.97 11.25 7.99
N THR B 156 3.26 10.87 8.07
CA THR B 156 4.29 11.48 7.24
C THR B 156 5.12 10.43 6.53
N PHE B 157 4.59 9.22 6.37
CA PHE B 157 5.25 8.24 5.51
C PHE B 157 5.24 8.76 4.08
N LEU B 158 6.41 8.73 3.42
CA LEU B 158 6.55 9.37 2.11
C LEU B 158 6.10 8.47 0.97
N SER B 159 5.89 7.18 1.23
CA SER B 159 5.60 6.21 0.18
C SER B 159 4.10 6.00 0.01
N SER B 160 3.71 5.51 -1.17
CA SER B 160 2.33 5.12 -1.44
C SER B 160 2.24 3.72 -2.07
N THR B 161 3.27 2.90 -1.90
CA THR B 161 3.21 1.51 -2.34
C THR B 161 2.11 0.77 -1.58
N LEU B 162 1.77 -0.42 -2.05
CA LEU B 162 0.86 -1.26 -1.27
C LEU B 162 1.41 -1.53 0.13
N LYS B 163 2.72 -1.79 0.25
CA LYS B 163 3.31 -2.07 1.55
C LYS B 163 3.14 -0.90 2.50
N SER B 164 3.36 0.32 2.00
CA SER B 164 3.17 1.48 2.86
C SER B 164 1.74 1.58 3.35
N LEU B 165 0.77 1.22 2.50
CA LEU B 165 -0.63 1.20 2.92
C LEU B 165 -0.88 0.11 3.96
N GLU B 166 -0.26 -1.05 3.75
CA GLU B 166 -0.33 -2.15 4.69
C GLU B 166 0.32 -1.78 6.02
N GLU B 167 1.43 -1.04 5.97
CA GLU B 167 2.11 -0.67 7.21
C GLU B 167 1.28 0.31 8.02
N LYS B 168 0.73 1.34 7.35
CA LYS B 168 -0.11 2.33 8.03
C LYS B 168 -1.33 1.68 8.64
N ASP B 169 -1.96 0.76 7.92
CA ASP B 169 -3.11 0.04 8.44
C ASP B 169 -2.71 -0.70 9.69
N HIS B 170 -1.56 -1.37 9.68
CA HIS B 170 -1.13 -2.18 10.82
C HIS B 170 -0.95 -1.31 12.05
N ILE B 171 -0.23 -0.20 11.88
CA ILE B 171 -0.03 0.77 12.95
C ILE B 171 -1.37 1.21 13.56
N HIS B 172 -2.36 1.54 12.72
CA HIS B 172 -3.64 1.94 13.28
C HIS B 172 -4.33 0.76 13.96
N ARG B 173 -4.15 -0.44 13.49
CA ARG B 173 -4.77 -1.52 14.24
C ARG B 173 -4.10 -1.71 15.61
N VAL B 174 -2.78 -1.56 15.65
CA VAL B 174 -2.09 -1.69 16.93
C VAL B 174 -2.52 -0.58 17.86
N LEU B 175 -2.61 0.65 17.33
CA LEU B 175 -3.11 1.80 18.08
C LEU B 175 -4.53 1.57 18.59
N ASP B 176 -5.35 0.88 17.82
CA ASP B 176 -6.68 0.50 18.30
C ASP B 176 -6.60 -0.46 19.47
N LYS B 177 -5.61 -1.38 19.44
CA LYS B 177 -5.41 -2.30 20.56
C LYS B 177 -4.96 -1.55 21.81
N ILE B 178 -4.18 -0.49 21.66
CA ILE B 178 -3.79 0.25 22.86
C ILE B 178 -4.97 1.05 23.44
N THR B 179 -5.82 1.58 22.57
CA THR B 179 -7.05 2.20 23.03
C THR B 179 -7.84 1.22 23.84
N ASP B 180 -8.11 0.04 23.30
CA ASP B 180 -8.85 -0.96 24.03
C ASP B 180 -8.22 -1.19 25.41
N THR B 181 -6.87 -1.34 25.41
CA THR B 181 -6.10 -1.56 26.64
C THR B 181 -6.32 -0.43 27.61
N LEU B 182 -6.25 0.81 27.14
CA LEU B 182 -6.48 1.93 28.04
C LEU B 182 -7.86 1.92 28.66
N ILE B 183 -8.89 1.71 27.84
CA ILE B 183 -10.26 1.55 28.33
C ILE B 183 -10.41 0.38 29.32
N HIS B 184 -9.82 -0.77 29.00
CA HIS B 184 -9.92 -1.88 29.95
C HIS B 184 -9.35 -1.48 31.30
N LEU B 185 -8.17 -0.88 31.31
CA LEU B 185 -7.56 -0.49 32.57
C LEU B 185 -8.49 0.40 33.39
N MET B 186 -9.23 1.27 32.70
CA MET B 186 -10.10 2.19 33.40
C MET B 186 -11.32 1.47 33.91
N ALA B 187 -11.87 0.56 33.11
CA ALA B 187 -13.01 -0.19 33.56
C ALA B 187 -12.65 -1.08 34.74
N LYS B 188 -11.48 -1.74 34.69
CA LYS B 188 -11.01 -2.54 35.82
C LYS B 188 -10.91 -1.68 37.07
N ALA B 189 -10.49 -0.44 36.94
CA ALA B 189 -10.33 0.46 38.07
C ALA B 189 -11.65 1.03 38.57
N GLY B 190 -12.77 0.71 37.93
CA GLY B 190 -14.06 1.11 38.43
C GLY B 190 -14.65 2.35 37.81
N LEU B 191 -14.04 2.90 36.78
CA LEU B 191 -14.59 4.07 36.14
C LEU B 191 -15.86 3.70 35.38
N THR B 192 -16.85 4.60 35.42
CA THR B 192 -18.03 4.41 34.60
C THR B 192 -17.70 4.52 33.11
N LEU B 193 -18.62 4.02 32.27
CA LEU B 193 -18.41 4.12 30.83
C LEU B 193 -18.16 5.57 30.42
N GLN B 194 -18.89 6.52 31.01
CA GLN B 194 -18.67 7.93 30.69
C GLN B 194 -17.29 8.39 31.16
N GLN B 195 -16.90 8.01 32.37
CA GLN B 195 -15.59 8.41 32.86
C GLN B 195 -14.48 7.80 32.02
N GLN B 196 -14.68 6.57 31.53
CA GLN B 196 -13.69 5.92 30.67
C GLN B 196 -13.40 6.78 29.44
N HIS B 197 -14.44 7.15 28.73
CA HIS B 197 -14.19 7.86 27.49
C HIS B 197 -13.71 9.29 27.74
N GLN B 198 -14.13 9.90 28.84
CA GLN B 198 -13.61 11.22 29.18
C GLN B 198 -12.11 11.14 29.49
N ARG B 199 -11.70 10.18 30.31
CA ARG B 199 -10.30 10.07 30.68
C ARG B 199 -9.46 9.71 29.49
N LEU B 200 -9.92 8.80 28.64
CA LEU B 200 -9.19 8.51 27.40
C LEU B 200 -8.92 9.78 26.61
N ALA B 201 -9.95 10.62 26.40
CA ALA B 201 -9.77 11.88 25.68
C ALA B 201 -8.80 12.80 26.38
N GLN B 202 -8.91 12.85 27.71
CA GLN B 202 -7.99 13.68 28.45
C GLN B 202 -6.57 13.25 28.22
N LEU B 203 -6.31 11.96 28.25
CA LEU B 203 -4.96 11.49 28.08
C LEU B 203 -4.40 11.84 26.70
N LEU B 204 -5.19 11.53 25.65
CA LEU B 204 -4.76 11.69 24.27
C LEU B 204 -4.54 13.13 23.94
N LEU B 205 -5.31 14.06 24.51
CA LEU B 205 -5.13 15.47 24.21
C LEU B 205 -3.86 16.04 24.85
N ILE B 206 -3.35 15.43 25.92
CA ILE B 206 -2.04 15.84 26.43
C ILE B 206 -0.95 15.51 25.43
N LEU B 207 -1.16 14.50 24.57
CA LEU B 207 -0.18 14.17 23.53
C LEU B 207 0.04 15.29 22.52
N SER B 208 -1.00 16.12 22.27
CA SER B 208 -0.86 17.31 21.44
C SER B 208 0.06 18.34 22.07
N HIS B 209 0.05 18.45 23.41
CA HIS B 209 1.00 19.32 24.08
C HIS B 209 2.42 18.75 24.06
N ILE B 210 2.58 17.44 24.24
CA ILE B 210 3.90 16.82 24.13
C ILE B 210 4.47 17.07 22.73
N ARG B 211 3.63 16.93 21.70
CA ARG B 211 4.14 17.23 20.36
C ARG B 211 4.64 18.65 20.27
N HIS B 212 3.87 19.59 20.85
CA HIS B 212 4.21 21.00 20.84
C HIS B 212 5.54 21.21 21.52
N MET B 213 5.70 20.66 22.72
CA MET B 213 6.97 20.77 23.44
C MET B 213 8.15 20.18 22.64
N SER B 214 7.95 19.02 22.00
CA SER B 214 9.00 18.46 21.15
C SER B 214 9.37 19.42 20.00
N ASN B 215 8.38 19.95 19.32
CA ASN B 215 8.66 20.89 18.25
C ASN B 215 9.37 22.14 18.77
N LYS B 216 8.97 22.66 19.93
CA LYS B 216 9.73 23.80 20.46
C LYS B 216 11.13 23.38 20.92
N GLY B 217 11.26 22.15 21.40
CA GLY B 217 12.57 21.67 21.80
C GLY B 217 13.50 21.48 20.61
N MET B 218 13.00 20.88 19.52
CA MET B 218 13.78 20.77 18.28
C MET B 218 14.28 22.13 17.82
N GLU B 219 13.38 23.12 17.75
CA GLU B 219 13.79 24.42 17.25
C GLU B 219 14.76 25.07 18.20
N HIS B 220 14.69 24.73 19.47
CA HIS B 220 15.77 25.17 20.35
C HIS B 220 17.05 24.37 20.16
N LEU B 221 16.92 23.05 19.94
CA LEU B 221 18.12 22.23 19.77
C LEU B 221 18.98 22.71 18.63
N TYR B 222 18.41 23.37 17.63
CA TYR B 222 19.18 23.90 16.51
C TYR B 222 19.13 25.41 16.46
N SER B 223 18.85 26.03 17.59
CA SER B 223 18.99 27.47 17.77
C SER B 223 20.42 27.78 18.22
N VAL B 229 23.27 16.63 17.23
CA VAL B 229 22.63 16.15 18.45
C VAL B 229 21.38 15.30 18.16
N VAL B 230 20.65 15.67 17.13
CA VAL B 230 19.46 14.93 16.73
C VAL B 230 19.89 13.68 15.96
N PRO B 231 19.40 12.50 16.34
CA PRO B 231 19.82 11.29 15.62
C PRO B 231 19.29 11.32 14.20
N SER B 232 20.18 11.05 13.24
CA SER B 232 19.82 11.01 11.83
C SER B 232 19.13 9.70 11.49
N TYR B 233 18.45 9.70 10.33
CA TYR B 233 17.85 8.48 9.82
C TYR B 233 18.89 7.35 9.76
N ASP B 234 20.08 7.64 9.25
CA ASP B 234 21.09 6.58 9.10
C ASP B 234 21.60 6.08 10.46
N LEU B 235 21.77 6.99 11.42
CA LEU B 235 22.15 6.54 12.75
C LEU B 235 21.12 5.58 13.31
N LEU B 236 19.86 6.01 13.31
CA LEU B 236 18.78 5.17 13.83
C LEU B 236 18.73 3.82 13.14
N LEU B 237 18.87 3.82 11.81
CA LEU B 237 18.84 2.57 11.07
C LEU B 237 19.97 1.66 11.49
N GLU B 238 21.19 2.20 11.61
CA GLU B 238 22.30 1.42 12.14
C GLU B 238 21.96 0.90 13.55
N MET B 239 21.37 1.74 14.40
CA MET B 239 21.09 1.31 15.76
C MET B 239 20.04 0.23 15.79
N LEU B 240 19.14 0.24 14.80
CA LEU B 240 18.03 -0.69 14.77
C LEU B 240 18.51 -2.12 14.49
N ASP B 241 19.23 -2.32 13.38
CA ASP B 241 19.71 -3.65 13.00
C ASP B 241 20.91 -4.03 13.87
N ALA B 242 20.63 -4.41 15.12
CA ALA B 242 21.68 -4.79 16.07
C ALA B 242 21.10 -5.62 17.23
N LEU C 2 -25.41 -19.59 -8.37
CA LEU C 2 -24.91 -19.11 -7.09
C LEU C 2 -23.61 -18.36 -7.25
N ALA C 3 -22.65 -18.97 -7.96
CA ALA C 3 -21.30 -18.43 -8.02
C ALA C 3 -21.27 -16.98 -8.55
N LEU C 4 -22.01 -16.70 -9.62
CA LEU C 4 -21.96 -15.37 -10.20
C LEU C 4 -22.75 -14.33 -9.39
N SER C 5 -23.46 -14.76 -8.33
CA SER C 5 -24.15 -13.83 -7.46
C SER C 5 -23.31 -13.40 -6.25
N LEU C 6 -22.14 -13.99 -6.07
CA LEU C 6 -21.29 -13.63 -4.94
C LEU C 6 -20.74 -12.20 -5.07
N THR C 7 -20.64 -11.53 -3.94
CA THR C 7 -19.95 -10.25 -3.90
C THR C 7 -18.46 -10.50 -3.87
N ALA C 8 -17.68 -9.44 -4.05
CA ALA C 8 -16.23 -9.54 -3.96
C ALA C 8 -15.80 -10.07 -2.59
N ASP C 9 -16.38 -9.52 -1.52
CA ASP C 9 -16.00 -9.99 -0.18
C ASP C 9 -16.35 -11.46 0.02
N GLN C 10 -17.48 -11.91 -0.53
CA GLN C 10 -17.87 -13.29 -0.36
C GLN C 10 -17.00 -14.23 -1.17
N MET C 11 -16.50 -13.77 -2.33
CA MET C 11 -15.59 -14.59 -3.13
C MET C 11 -14.25 -14.78 -2.42
N VAL C 12 -13.64 -13.70 -1.94
CA VAL C 12 -12.42 -13.82 -1.13
C VAL C 12 -12.59 -14.80 0.04
N SER C 13 -13.69 -14.68 0.81
CA SER C 13 -13.94 -15.57 1.94
C SER C 13 -14.04 -17.01 1.51
N ALA C 14 -14.77 -17.28 0.41
CA ALA C 14 -14.89 -18.63 -0.11
C ALA C 14 -13.54 -19.20 -0.51
N LEU C 15 -12.73 -18.39 -1.18
CA LEU C 15 -11.44 -18.87 -1.65
C LEU C 15 -10.50 -19.13 -0.48
N LEU C 16 -10.49 -18.23 0.52
CA LEU C 16 -9.63 -18.42 1.68
C LEU C 16 -10.05 -19.69 2.43
N ASP C 17 -11.36 -19.91 2.54
CA ASP C 17 -11.85 -21.09 3.25
C ASP C 17 -11.50 -22.38 2.53
N ALA C 18 -11.36 -22.30 1.20
CA ALA C 18 -11.09 -23.49 0.38
C ALA C 18 -9.64 -23.92 0.37
N GLU C 19 -8.75 -23.12 0.95
CA GLU C 19 -7.34 -23.36 0.80
C GLU C 19 -6.98 -24.77 1.25
N PRO C 20 -6.11 -25.46 0.54
CA PRO C 20 -5.72 -26.81 0.97
C PRO C 20 -4.69 -26.81 2.08
N PRO C 21 -4.47 -27.92 2.74
CA PRO C 21 -3.48 -27.96 3.81
C PRO C 21 -2.03 -28.00 3.32
N ILE C 22 -1.12 -27.61 4.18
CA ILE C 22 0.30 -27.81 3.92
C ILE C 22 0.67 -29.24 4.30
N LEU C 23 1.27 -29.98 3.36
CA LEU C 23 1.66 -31.35 3.62
C LEU C 23 3.16 -31.43 3.90
N TYR C 24 3.58 -32.55 4.50
CA TYR C 24 4.99 -32.75 4.79
C TYR C 24 5.56 -33.74 3.81
N SER C 25 6.85 -33.60 3.54
CA SER C 25 7.57 -34.61 2.80
C SER C 25 7.76 -35.86 3.66
N GLU C 26 8.18 -36.97 3.04
CA GLU C 26 8.63 -38.12 3.82
C GLU C 26 9.55 -37.69 4.95
N TYR C 27 9.34 -38.22 6.15
CA TYR C 27 10.19 -37.89 7.26
C TYR C 27 11.51 -38.62 7.09
N ASP C 28 12.58 -37.96 7.47
CA ASP C 28 13.93 -38.50 7.41
C ASP C 28 14.23 -39.35 6.17
N PRO C 29 14.31 -38.73 5.01
CA PRO C 29 14.89 -39.43 3.85
C PRO C 29 16.39 -39.53 4.04
N THR C 30 17.00 -40.51 3.37
CA THR C 30 18.46 -40.60 3.38
C THR C 30 19.02 -39.39 2.65
N ARG C 31 19.86 -38.58 3.34
CA ARG C 31 20.48 -37.44 2.71
C ARG C 31 21.98 -37.70 2.71
N PRO C 32 22.73 -37.24 1.72
CA PRO C 32 22.29 -36.48 0.54
C PRO C 32 21.42 -37.31 -0.41
N PHE C 33 20.73 -36.63 -1.32
CA PHE C 33 19.81 -37.25 -2.26
C PHE C 33 20.58 -37.74 -3.47
N SER C 34 20.00 -38.74 -4.14
CA SER C 34 20.31 -39.07 -5.53
C SER C 34 19.22 -38.46 -6.42
N GLU C 35 19.46 -38.52 -7.73
CA GLU C 35 18.41 -38.11 -8.65
C GLU C 35 17.15 -38.92 -8.43
N ALA C 36 17.29 -40.24 -8.31
CA ALA C 36 16.13 -41.09 -8.12
C ALA C 36 15.40 -40.76 -6.83
N SER C 37 16.15 -40.53 -5.74
CA SER C 37 15.52 -40.39 -4.44
C SER C 37 14.88 -39.03 -4.29
N MET C 38 15.48 -38.01 -4.89
CA MET C 38 14.82 -36.70 -4.87
C MET C 38 13.54 -36.72 -5.69
N MET C 39 13.59 -37.26 -6.89
CA MET C 39 12.37 -37.34 -7.68
C MET C 39 11.31 -38.15 -6.96
N GLY C 40 11.73 -39.20 -6.26
CA GLY C 40 10.79 -40.01 -5.49
C GLY C 40 10.11 -39.22 -4.38
N LEU C 41 10.89 -38.46 -3.61
CA LEU C 41 10.27 -37.61 -2.59
C LEU C 41 9.34 -36.55 -3.19
N LEU C 42 9.77 -35.91 -4.28
CA LEU C 42 8.94 -34.87 -4.85
C LEU C 42 7.68 -35.46 -5.46
N THR C 43 7.81 -36.59 -6.18
CA THR C 43 6.64 -37.26 -6.73
C THR C 43 5.66 -37.66 -5.64
N ASN C 44 6.15 -38.22 -4.52
CA ASN C 44 5.27 -38.66 -3.45
C ASN C 44 4.50 -37.50 -2.89
N LEU C 45 5.16 -36.36 -2.75
CA LEU C 45 4.50 -35.19 -2.20
C LEU C 45 3.44 -34.66 -3.16
N ALA C 46 3.78 -34.55 -4.47
CA ALA C 46 2.85 -34.07 -5.50
C ALA C 46 1.61 -34.96 -5.56
N ASP C 47 1.82 -36.28 -5.47
CA ASP C 47 0.72 -37.22 -5.55
C ASP C 47 -0.25 -37.01 -4.42
N ARG C 48 0.25 -36.72 -3.21
CA ARG C 48 -0.60 -36.45 -2.06
C ARG C 48 -1.23 -35.07 -2.11
N GLU C 49 -0.51 -34.08 -2.63
CA GLU C 49 -1.12 -32.77 -2.80
C GLU C 49 -2.28 -32.79 -3.76
N LEU C 50 -2.21 -33.69 -4.76
CA LEU C 50 -3.22 -33.66 -5.80
C LEU C 50 -4.62 -33.90 -5.22
N VAL C 51 -4.75 -34.82 -4.26
CA VAL C 51 -6.06 -35.13 -3.69
C VAL C 51 -6.69 -33.88 -3.08
N HIS C 52 -5.90 -33.17 -2.28
CA HIS C 52 -6.41 -31.95 -1.67
C HIS C 52 -6.66 -30.83 -2.71
N MET C 53 -5.91 -30.81 -3.82
CA MET C 53 -6.17 -29.87 -4.90
C MET C 53 -7.53 -30.10 -5.52
N ILE C 54 -7.97 -31.36 -5.66
CA ILE C 54 -9.30 -31.62 -6.19
C ILE C 54 -10.37 -31.12 -5.24
N ASN C 55 -10.15 -31.31 -3.92
CA ASN C 55 -11.10 -30.83 -2.93
C ASN C 55 -11.19 -29.31 -2.92
N TRP C 56 -10.04 -28.66 -3.05
CA TRP C 56 -9.99 -27.22 -3.23
C TRP C 56 -10.76 -26.79 -4.50
N ALA C 57 -10.46 -27.40 -5.65
CA ALA C 57 -11.11 -26.98 -6.90
C ALA C 57 -12.64 -27.02 -6.78
N LYS C 58 -13.15 -28.10 -6.21
CA LYS C 58 -14.58 -28.27 -6.04
C LYS C 58 -15.20 -27.17 -5.23
N ARG C 59 -14.41 -26.45 -4.43
CA ARG C 59 -14.89 -25.30 -3.65
C ARG C 59 -14.60 -23.95 -4.30
N VAL C 60 -13.95 -23.89 -5.46
CA VAL C 60 -13.79 -22.65 -6.21
C VAL C 60 -15.15 -22.30 -6.81
N PRO C 61 -15.74 -21.16 -6.40
CA PRO C 61 -17.06 -20.80 -6.94
C PRO C 61 -17.20 -20.93 -8.46
N GLY C 62 -18.24 -21.63 -8.90
CA GLY C 62 -18.48 -21.85 -10.32
C GLY C 62 -17.83 -23.10 -10.91
N PHE C 63 -16.86 -23.70 -10.24
CA PHE C 63 -16.18 -24.86 -10.83
C PHE C 63 -17.09 -26.09 -10.95
N VAL C 64 -17.84 -26.42 -9.89
CA VAL C 64 -18.73 -27.58 -9.98
C VAL C 64 -20.00 -27.33 -10.78
N ASP C 65 -20.24 -26.11 -11.24
CA ASP C 65 -21.32 -25.89 -12.21
C ASP C 65 -21.00 -26.52 -13.56
N LEU C 66 -19.72 -26.78 -13.83
CA LEU C 66 -19.25 -27.34 -15.09
C LEU C 66 -19.52 -28.83 -15.11
N THR C 67 -19.65 -29.40 -16.32
CA THR C 67 -19.68 -30.84 -16.44
C THR C 67 -18.40 -31.45 -15.84
N SER C 68 -18.51 -32.73 -15.47
CA SER C 68 -17.35 -33.45 -14.94
C SER C 68 -16.23 -33.48 -15.96
N HIS C 69 -16.57 -33.72 -17.22
CA HIS C 69 -15.58 -33.74 -18.29
C HIS C 69 -14.82 -32.41 -18.38
N ASP C 70 -15.52 -31.29 -18.25
CA ASP C 70 -14.85 -30.01 -18.35
C ASP C 70 -14.05 -29.70 -17.11
N GLN C 71 -14.53 -30.11 -15.92
CA GLN C 71 -13.74 -30.02 -14.69
C GLN C 71 -12.42 -30.77 -14.81
N VAL C 72 -12.44 -32.00 -15.32
CA VAL C 72 -11.18 -32.72 -15.48
C VAL C 72 -10.26 -32.01 -16.48
N HIS C 73 -10.82 -31.52 -17.61
CA HIS C 73 -9.98 -30.88 -18.61
C HIS C 73 -9.25 -29.71 -18.00
N LEU C 74 -9.93 -28.93 -17.17
CA LEU C 74 -9.29 -27.79 -16.51
C LEU C 74 -8.21 -28.25 -15.52
N LEU C 75 -8.46 -29.32 -14.78
CA LEU C 75 -7.43 -29.76 -13.85
C LEU C 75 -6.24 -30.36 -14.59
N GLU C 76 -6.51 -31.05 -15.69
CA GLU C 76 -5.45 -31.63 -16.51
C GLU C 76 -4.50 -30.56 -17.04
N YCM C 77 -4.99 -29.35 -17.22
CA YCM C 77 -4.33 -28.31 -17.97
CB YCM C 77 -5.22 -27.41 -18.82
SG YCM C 77 -5.77 -28.11 -20.34
CD YCM C 77 -4.50 -28.16 -21.57
CE YCM C 77 -3.21 -27.57 -21.13
OZ1 YCM C 77 -2.30 -28.32 -20.68
NZ2 YCM C 77 -3.06 -26.21 -21.33
C YCM C 77 -3.58 -27.49 -16.89
O YCM C 77 -2.49 -26.93 -17.08
H YCM C 77 -5.66 -28.93 -16.60
HA YCM C 77 -3.64 -28.76 -18.75
HB2 YCM C 77 -4.66 -26.48 -19.10
HB3 YCM C 77 -6.14 -27.12 -18.26
HD2 YCM C 77 -4.82 -27.61 -22.48
HD3 YCM C 77 -4.29 -29.23 -21.86
HZ21 YCM C 77 -3.80 -25.67 -21.70
HZ22 YCM C 77 -2.22 -25.77 -21.08
N ALA C 78 -4.17 -27.42 -15.68
CA ALA C 78 -3.61 -26.56 -14.63
C ALA C 78 -2.84 -27.15 -13.45
N TRP C 79 -2.91 -28.48 -13.25
CA TRP C 79 -2.46 -29.07 -11.98
C TRP C 79 -1.02 -28.73 -11.66
N LEU C 80 -0.14 -28.69 -12.67
CA LEU C 80 1.27 -28.42 -12.33
C LEU C 80 1.52 -26.94 -12.09
N GLU C 81 0.78 -26.09 -12.83
CA GLU C 81 0.77 -24.65 -12.51
C GLU C 81 0.24 -24.39 -11.09
N ILE C 82 -0.80 -25.11 -10.67
CA ILE C 82 -1.33 -24.90 -9.33
C ILE C 82 -0.32 -25.34 -8.27
N LEU C 83 0.34 -26.47 -8.47
CA LEU C 83 1.34 -26.91 -7.52
C LEU C 83 2.50 -25.94 -7.43
N MET C 84 2.96 -25.45 -8.58
CA MET C 84 4.06 -24.48 -8.68
C MET C 84 3.73 -23.17 -8.01
N ILE C 85 2.54 -22.62 -8.27
CA ILE C 85 2.26 -21.34 -7.61
C ILE C 85 2.16 -21.47 -6.07
N GLY C 86 1.64 -22.60 -5.58
CA GLY C 86 1.69 -22.87 -4.15
C GLY C 86 3.12 -22.99 -3.63
N LEU C 87 4.01 -23.60 -4.41
CA LEU C 87 5.40 -23.70 -4.00
C LEU C 87 6.04 -22.32 -3.91
N VAL C 88 5.70 -21.46 -4.89
CA VAL C 88 6.27 -20.13 -4.96
C VAL C 88 5.81 -19.31 -3.76
N TRP C 89 4.51 -19.39 -3.48
CA TRP C 89 3.91 -18.73 -2.32
C TRP C 89 4.53 -19.26 -1.02
N ARG C 90 4.62 -20.58 -0.80
CA ARG C 90 5.28 -21.09 0.40
C ARG C 90 6.70 -20.57 0.57
N SER C 91 7.40 -20.29 -0.54
CA SER C 91 8.82 -19.96 -0.55
C SER C 91 9.10 -18.47 -0.44
N MET C 92 8.06 -17.64 -0.40
CA MET C 92 8.27 -16.20 -0.52
C MET C 92 9.21 -15.67 0.55
N GLU C 93 9.02 -16.12 1.79
CA GLU C 93 9.82 -15.64 2.92
C GLU C 93 11.13 -16.37 3.10
N HIS C 94 11.58 -17.10 2.09
CA HIS C 94 12.80 -17.91 2.15
C HIS C 94 13.60 -17.60 0.91
N PRO C 95 14.13 -16.39 0.80
CA PRO C 95 14.89 -16.00 -0.40
C PRO C 95 15.99 -17.00 -0.70
N GLY C 96 16.12 -17.37 -1.97
CA GLY C 96 17.11 -18.34 -2.38
C GLY C 96 16.75 -19.79 -2.15
N LYS C 97 15.56 -20.07 -1.64
CA LYS C 97 15.19 -21.43 -1.25
C LYS C 97 13.76 -21.72 -1.65
N LEU C 98 13.48 -23.00 -1.86
CA LEU C 98 12.16 -23.48 -2.23
C LEU C 98 11.63 -24.35 -1.09
N LEU C 99 10.49 -23.97 -0.51
CA LEU C 99 9.86 -24.67 0.61
C LEU C 99 8.86 -25.65 0.02
N PHE C 100 9.39 -26.78 -0.43
CA PHE C 100 8.53 -27.84 -0.93
C PHE C 100 7.56 -28.32 0.14
N ALA C 101 8.05 -28.49 1.37
CA ALA C 101 7.30 -28.81 2.58
C ALA C 101 8.04 -28.20 3.77
N PRO C 102 7.37 -28.05 4.91
CA PRO C 102 8.06 -27.48 6.08
C PRO C 102 9.33 -28.22 6.45
N ASN C 103 9.43 -29.50 6.10
CA ASN C 103 10.60 -30.29 6.42
C ASN C 103 11.41 -30.60 5.18
N LEU C 104 11.22 -29.86 4.08
CA LEU C 104 11.99 -30.05 2.83
C LEU C 104 12.19 -28.67 2.21
N LEU C 105 13.18 -27.94 2.75
CA LEU C 105 13.57 -26.63 2.26
C LEU C 105 14.88 -26.81 1.50
N LEU C 106 14.86 -26.49 0.22
CA LEU C 106 15.99 -26.75 -0.68
C LEU C 106 16.49 -25.47 -1.33
N ASP C 107 17.82 -25.34 -1.48
CA ASP C 107 18.39 -24.26 -2.26
C ASP C 107 18.73 -24.73 -3.67
N ARG C 108 19.09 -23.77 -4.53
CA ARG C 108 19.22 -24.08 -5.95
C ARG C 108 20.30 -25.13 -6.21
N ASN C 109 21.35 -25.16 -5.39
CA ASN C 109 22.41 -26.11 -5.63
C ASN C 109 21.99 -27.53 -5.35
N GLN C 110 20.95 -27.71 -4.53
CA GLN C 110 20.33 -29.03 -4.41
C GLN C 110 19.47 -29.37 -5.62
N GLY C 111 19.06 -28.36 -6.40
CA GLY C 111 18.42 -28.65 -7.66
C GLY C 111 19.34 -29.35 -8.64
N LYS C 112 20.65 -29.21 -8.47
CA LYS C 112 21.60 -29.86 -9.36
C LYS C 112 21.52 -31.38 -9.28
N CYS C 113 20.96 -31.91 -8.20
CA CYS C 113 20.97 -33.37 -8.04
C CYS C 113 20.25 -34.06 -9.19
N VAL C 114 19.23 -33.40 -9.74
CA VAL C 114 18.48 -33.91 -10.89
C VAL C 114 18.87 -33.04 -12.10
N GLU C 115 19.44 -33.67 -13.13
CA GLU C 115 19.81 -32.90 -14.30
C GLU C 115 18.56 -32.29 -14.90
N GLY C 116 18.59 -30.97 -15.11
CA GLY C 116 17.51 -30.24 -15.71
C GLY C 116 16.67 -29.44 -14.73
N MET C 117 16.68 -29.82 -13.45
CA MET C 117 15.81 -29.16 -12.50
C MET C 117 16.41 -27.87 -11.98
N VAL C 118 17.73 -27.66 -12.07
CA VAL C 118 18.27 -26.39 -11.61
C VAL C 118 17.70 -25.22 -12.43
N GLU C 119 17.47 -25.46 -13.72
CA GLU C 119 16.86 -24.41 -14.53
C GLU C 119 15.43 -24.11 -14.04
N ILE C 120 14.65 -25.13 -13.78
CA ILE C 120 13.31 -24.89 -13.29
C ILE C 120 13.38 -24.33 -11.89
N PHE C 121 14.33 -24.82 -11.08
CA PHE C 121 14.52 -24.23 -9.76
C PHE C 121 14.71 -22.73 -9.84
N ASP C 122 15.63 -22.32 -10.71
CA ASP C 122 15.96 -20.92 -10.91
C ASP C 122 14.73 -20.10 -11.32
N MET C 123 13.89 -20.63 -12.21
CA MET C 123 12.65 -19.94 -12.57
C MET C 123 11.70 -19.79 -11.39
N LEU C 124 11.56 -20.85 -10.57
CA LEU C 124 10.68 -20.81 -9.43
C LEU C 124 11.13 -19.78 -8.43
N LEU C 125 12.46 -19.70 -8.22
CA LEU C 125 13.07 -18.74 -7.32
C LEU C 125 12.86 -17.31 -7.79
N ALA C 126 13.04 -17.05 -9.08
CA ALA C 126 12.74 -15.74 -9.63
C ALA C 126 11.26 -15.35 -9.48
N THR C 127 10.34 -16.31 -9.57
CA THR C 127 8.92 -15.98 -9.38
C THR C 127 8.65 -15.58 -7.94
N SER C 128 9.28 -16.33 -7.02
CA SER C 128 9.15 -16.04 -5.60
C SER C 128 9.75 -14.68 -5.28
N SER C 129 10.85 -14.30 -5.94
CA SER C 129 11.44 -12.97 -5.78
C SER C 129 10.53 -11.90 -6.34
N ARG C 130 9.86 -12.19 -7.45
CA ARG C 130 8.88 -11.25 -7.99
C ARG C 130 7.70 -11.10 -7.03
N PHE C 131 7.18 -12.21 -6.49
CA PHE C 131 6.05 -12.12 -5.55
C PHE C 131 6.44 -11.23 -4.39
N ARG C 132 7.66 -11.45 -3.87
CA ARG C 132 8.18 -10.66 -2.76
C ARG C 132 8.29 -9.19 -3.15
N MET C 133 8.91 -8.91 -4.30
CA MET C 133 9.05 -7.52 -4.74
C MET C 133 7.69 -6.83 -4.80
N MET C 134 6.63 -7.55 -5.21
CA MET C 134 5.32 -6.93 -5.38
C MET C 134 4.55 -6.94 -4.06
N ASN C 135 5.07 -7.59 -3.02
CA ASN C 135 4.32 -7.73 -1.77
C ASN C 135 2.98 -8.41 -2.02
N LEU C 136 3.03 -9.53 -2.71
CA LEU C 136 1.79 -10.25 -3.02
C LEU C 136 1.10 -10.59 -1.70
N GLN C 137 -0.21 -10.35 -1.64
CA GLN C 137 -1.00 -10.64 -0.46
C GLN C 137 -1.68 -12.01 -0.61
N GLY C 138 -1.99 -12.61 0.52
CA GLY C 138 -2.69 -13.91 0.52
C GLY C 138 -4.02 -13.91 -0.22
N GLU C 139 -4.81 -12.83 -0.05
CA GLU C 139 -6.09 -12.71 -0.73
C GLU C 139 -5.90 -12.59 -2.24
N GLU C 140 -4.81 -11.93 -2.70
CA GLU C 140 -4.49 -11.91 -4.12
C GLU C 140 -4.03 -13.28 -4.62
N PHE C 141 -3.15 -13.96 -3.87
CA PHE C 141 -2.67 -15.30 -4.23
C PHE C 141 -3.82 -16.28 -4.50
N VAL C 142 -4.83 -16.34 -3.62
CA VAL C 142 -5.93 -17.29 -3.80
C VAL C 142 -6.73 -16.93 -5.07
N CYS C 143 -6.95 -15.66 -5.36
CA CYS C 143 -7.59 -15.26 -6.61
C CYS C 143 -6.74 -15.74 -7.79
N LEU C 144 -5.43 -15.55 -7.70
CA LEU C 144 -4.55 -15.91 -8.82
C LEU C 144 -4.59 -17.40 -9.08
N LYS C 145 -4.61 -18.20 -8.00
CA LYS C 145 -4.61 -19.65 -8.14
C LYS C 145 -5.94 -20.09 -8.76
N SER C 146 -7.04 -19.46 -8.38
CA SER C 146 -8.31 -19.80 -9.01
C SER C 146 -8.40 -19.38 -10.48
N ILE C 147 -7.80 -18.24 -10.83
CA ILE C 147 -7.69 -17.87 -12.24
C ILE C 147 -6.98 -18.93 -13.04
N ILE C 148 -5.86 -19.45 -12.53
CA ILE C 148 -5.10 -20.49 -13.22
C ILE C 148 -5.96 -21.70 -13.53
N LEU C 149 -6.78 -22.09 -12.54
CA LEU C 149 -7.66 -23.25 -12.66
C LEU C 149 -8.69 -23.04 -13.75
N LEU C 150 -9.29 -21.86 -13.82
CA LEU C 150 -10.34 -21.61 -14.81
C LEU C 150 -9.81 -21.22 -16.19
N ASN C 151 -8.66 -20.52 -16.24
CA ASN C 151 -8.16 -19.99 -17.50
C ASN C 151 -7.34 -21.02 -18.27
N SER C 152 -6.46 -21.76 -17.58
CA SER C 152 -5.43 -22.49 -18.32
C SER C 152 -5.98 -23.45 -19.36
N GLY C 153 -7.16 -24.02 -19.13
CA GLY C 153 -7.71 -25.02 -20.02
C GLY C 153 -8.92 -24.53 -20.81
N VAL C 154 -9.33 -23.28 -20.61
CA VAL C 154 -10.57 -22.85 -21.25
C VAL C 154 -10.42 -22.73 -22.77
N TYR C 155 -9.23 -22.35 -23.27
CA TYR C 155 -9.03 -22.12 -24.69
C TYR C 155 -8.94 -23.41 -25.48
N THR C 156 -8.79 -24.56 -24.82
CA THR C 156 -8.70 -25.86 -25.48
C THR C 156 -9.97 -26.68 -25.29
N PHE C 157 -11.09 -26.06 -24.92
CA PHE C 157 -12.38 -26.76 -25.05
C PHE C 157 -12.65 -27.00 -26.55
N LEU C 158 -12.70 -25.91 -27.31
CA LEU C 158 -12.70 -25.93 -28.78
C LEU C 158 -13.85 -26.74 -29.35
N SER C 159 -15.02 -26.61 -28.75
CA SER C 159 -16.20 -27.36 -29.17
C SER C 159 -17.24 -26.39 -29.68
N SER C 160 -18.11 -26.90 -30.58
CA SER C 160 -19.21 -26.13 -31.14
C SER C 160 -20.49 -26.93 -30.90
N THR C 161 -20.99 -26.88 -29.67
CA THR C 161 -22.34 -27.20 -29.29
C THR C 161 -22.85 -26.01 -28.48
N LEU C 162 -24.18 -25.89 -28.34
CA LEU C 162 -24.72 -24.82 -27.51
C LEU C 162 -24.19 -24.93 -26.07
N LYS C 163 -24.08 -26.16 -25.57
CA LYS C 163 -23.63 -26.36 -24.19
C LYS C 163 -22.20 -25.88 -24.00
N SER C 164 -21.31 -26.23 -24.93
CA SER C 164 -19.91 -25.85 -24.78
C SER C 164 -19.76 -24.33 -24.80
N LEU C 165 -20.59 -23.63 -25.57
CA LEU C 165 -20.51 -22.18 -25.54
C LEU C 165 -21.08 -21.61 -24.23
N GLU C 166 -22.07 -22.28 -23.66
CA GLU C 166 -22.54 -21.92 -22.32
C GLU C 166 -21.46 -22.18 -21.28
N GLU C 167 -20.73 -23.31 -21.37
CA GLU C 167 -19.63 -23.58 -20.43
C GLU C 167 -18.55 -22.51 -20.54
N LYS C 168 -18.05 -22.27 -21.75
CA LYS C 168 -17.04 -21.24 -21.94
C LYS C 168 -17.53 -19.91 -21.42
N ASP C 169 -18.78 -19.54 -21.74
CA ASP C 169 -19.30 -18.26 -21.25
C ASP C 169 -19.32 -18.21 -19.72
N HIS C 170 -19.74 -19.30 -19.08
CA HIS C 170 -19.75 -19.36 -17.62
C HIS C 170 -18.33 -19.19 -17.05
N ILE C 171 -17.32 -19.85 -17.62
CA ILE C 171 -15.96 -19.69 -17.13
C ILE C 171 -15.52 -18.24 -17.21
N HIS C 172 -15.82 -17.58 -18.32
CA HIS C 172 -15.36 -16.22 -18.48
C HIS C 172 -16.10 -15.28 -17.55
N ARG C 173 -17.38 -15.55 -17.27
CA ARG C 173 -18.10 -14.72 -16.28
C ARG C 173 -17.50 -14.89 -14.88
N VAL C 174 -17.15 -16.13 -14.49
CA VAL C 174 -16.52 -16.34 -13.20
C VAL C 174 -15.17 -15.65 -13.14
N LEU C 175 -14.40 -15.74 -14.23
CA LEU C 175 -13.10 -15.09 -14.31
C LEU C 175 -13.23 -13.57 -14.19
N ASP C 176 -14.23 -13.00 -14.86
CA ASP C 176 -14.57 -11.58 -14.64
C ASP C 176 -14.86 -11.30 -13.16
N LYS C 177 -15.58 -12.19 -12.47
CA LYS C 177 -15.87 -11.92 -11.07
C LYS C 177 -14.56 -11.92 -10.25
N ILE C 178 -13.63 -12.80 -10.59
CA ILE C 178 -12.39 -12.81 -9.82
C ILE C 178 -11.58 -11.57 -10.12
N THR C 179 -11.60 -11.08 -11.38
CA THR C 179 -10.98 -9.79 -11.69
C THR C 179 -11.58 -8.68 -10.83
N ASP C 180 -12.93 -8.62 -10.79
CA ASP C 180 -13.64 -7.64 -9.95
C ASP C 180 -13.18 -7.75 -8.49
N THR C 181 -13.03 -8.99 -8.02
CA THR C 181 -12.58 -9.22 -6.65
C THR C 181 -11.17 -8.68 -6.41
N LEU C 182 -10.26 -8.92 -7.36
CA LEU C 182 -8.89 -8.44 -7.23
C LEU C 182 -8.85 -6.93 -7.18
N ILE C 183 -9.60 -6.30 -8.08
CA ILE C 183 -9.71 -4.85 -8.09
C ILE C 183 -10.30 -4.36 -6.78
N HIS C 184 -11.32 -5.06 -6.25
CA HIS C 184 -11.95 -4.62 -4.99
C HIS C 184 -10.93 -4.64 -3.86
N LEU C 185 -10.13 -5.69 -3.81
CA LEU C 185 -9.14 -5.83 -2.76
C LEU C 185 -8.15 -4.68 -2.84
N MET C 186 -7.79 -4.32 -4.07
CA MET C 186 -6.79 -3.29 -4.27
C MET C 186 -7.35 -1.92 -3.93
N ALA C 187 -8.60 -1.67 -4.32
CA ALA C 187 -9.25 -0.42 -3.93
C ALA C 187 -9.42 -0.34 -2.42
N LYS C 188 -9.86 -1.43 -1.78
CA LYS C 188 -10.01 -1.41 -0.34
C LYS C 188 -8.69 -1.10 0.36
N ALA C 189 -7.59 -1.53 -0.23
CA ALA C 189 -6.30 -1.28 0.38
C ALA C 189 -5.87 0.17 0.28
N GLY C 190 -6.48 0.95 -0.63
CA GLY C 190 -6.14 2.34 -0.84
C GLY C 190 -5.35 2.67 -2.09
N LEU C 191 -5.17 1.72 -3.00
CA LEU C 191 -4.47 1.99 -4.24
C LEU C 191 -5.33 2.88 -5.14
N THR C 192 -4.67 3.82 -5.82
CA THR C 192 -5.37 4.64 -6.81
C THR C 192 -5.87 3.77 -7.95
N LEU C 193 -6.81 4.31 -8.75
CA LEU C 193 -7.29 3.59 -9.93
C LEU C 193 -6.13 3.22 -10.86
N GLN C 194 -5.22 4.16 -11.10
CA GLN C 194 -4.06 3.84 -11.93
C GLN C 194 -3.25 2.69 -11.33
N GLN C 195 -2.94 2.76 -10.03
CA GLN C 195 -2.19 1.70 -9.37
C GLN C 195 -2.96 0.39 -9.43
N GLN C 196 -4.28 0.47 -9.35
CA GLN C 196 -5.11 -0.72 -9.38
C GLN C 196 -4.93 -1.46 -10.69
N HIS C 197 -5.05 -0.72 -11.81
CA HIS C 197 -4.93 -1.34 -13.12
CA HIS C 197 -4.95 -1.38 -13.10
C HIS C 197 -3.51 -1.83 -13.35
N GLN C 198 -2.52 -1.07 -12.89
CA GLN C 198 -1.13 -1.49 -13.09
C GLN C 198 -0.84 -2.77 -12.34
N ARG C 199 -1.31 -2.88 -11.08
CA ARG C 199 -1.02 -4.05 -10.26
C ARG C 199 -1.72 -5.27 -10.80
N LEU C 200 -2.98 -5.11 -11.26
CA LEU C 200 -3.74 -6.21 -11.87
C LEU C 200 -3.01 -6.77 -13.09
N ALA C 201 -2.52 -5.87 -13.95
CA ALA C 201 -1.74 -6.30 -15.10
C ALA C 201 -0.47 -7.05 -14.69
N GLN C 202 0.29 -6.49 -13.75
CA GLN C 202 1.51 -7.10 -13.25
C GLN C 202 1.24 -8.50 -12.69
N LEU C 203 0.12 -8.68 -11.98
CA LEU C 203 -0.13 -10.01 -11.43
C LEU C 203 -0.45 -11.00 -12.53
N LEU C 204 -1.30 -10.57 -13.48
CA LEU C 204 -1.77 -11.48 -14.52
C LEU C 204 -0.63 -11.82 -15.48
N LEU C 205 0.31 -10.89 -15.72
CA LEU C 205 1.48 -11.22 -16.53
C LEU C 205 2.38 -12.27 -15.88
N ILE C 206 2.44 -12.35 -14.55
CA ILE C 206 3.24 -13.41 -13.94
C ILE C 206 2.69 -14.78 -14.24
N LEU C 207 1.38 -14.86 -14.44
CA LEU C 207 0.77 -16.13 -14.82
C LEU C 207 1.31 -16.69 -16.13
N SER C 208 1.68 -15.82 -17.09
CA SER C 208 2.33 -16.32 -18.30
C SER C 208 3.66 -17.02 -17.96
N HIS C 209 4.40 -16.48 -16.99
CA HIS C 209 5.65 -17.12 -16.60
C HIS C 209 5.39 -18.45 -15.89
N ILE C 210 4.32 -18.54 -15.09
CA ILE C 210 3.98 -19.79 -14.42
C ILE C 210 3.59 -20.84 -15.44
N ARG C 211 2.87 -20.41 -16.50
CA ARG C 211 2.57 -21.30 -17.62
C ARG C 211 3.85 -21.83 -18.22
N HIS C 212 4.82 -20.94 -18.46
CA HIS C 212 6.09 -21.34 -19.05
C HIS C 212 6.75 -22.43 -18.21
N MET C 213 6.89 -22.15 -16.92
CA MET C 213 7.50 -23.09 -15.99
C MET C 213 6.80 -24.44 -15.99
N SER C 214 5.47 -24.45 -16.04
CA SER C 214 4.73 -25.70 -16.09
C SER C 214 5.08 -26.48 -17.34
N ASN C 215 5.05 -25.80 -18.50
CA ASN C 215 5.45 -26.45 -19.75
C ASN C 215 6.88 -27.01 -19.65
N LYS C 216 7.82 -26.24 -19.08
CA LYS C 216 9.17 -26.79 -18.97
C LYS C 216 9.22 -27.95 -17.99
N GLY C 217 8.46 -27.87 -16.91
CA GLY C 217 8.42 -28.97 -15.97
C GLY C 217 7.82 -30.23 -16.57
N MET C 218 6.77 -30.08 -17.38
CA MET C 218 6.23 -31.22 -18.14
C MET C 218 7.30 -31.86 -19.00
N GLU C 219 7.99 -31.06 -19.79
CA GLU C 219 9.05 -31.62 -20.63
C GLU C 219 10.01 -32.48 -19.81
N HIS C 220 10.39 -32.01 -18.62
CA HIS C 220 11.34 -32.77 -17.81
C HIS C 220 10.71 -34.06 -17.29
N LEU C 221 9.46 -34.00 -16.82
CA LEU C 221 8.76 -35.19 -16.35
C LEU C 221 8.68 -36.23 -17.45
N TYR C 222 8.73 -35.80 -18.71
CA TYR C 222 8.76 -36.72 -19.83
C TYR C 222 10.18 -37.13 -20.19
N SER C 223 11.13 -36.17 -20.17
CA SER C 223 12.51 -36.46 -20.55
C SER C 223 13.19 -37.39 -19.56
N MET C 224 12.71 -37.44 -18.33
CA MET C 224 13.19 -38.38 -17.33
C MET C 224 12.48 -39.73 -17.40
N LYS C 225 11.62 -39.94 -18.41
CA LYS C 225 10.84 -41.17 -18.50
C LYS C 225 9.93 -41.34 -17.28
N CYS C 226 9.46 -40.22 -16.74
CA CYS C 226 8.54 -40.19 -15.61
C CYS C 226 7.12 -39.79 -16.04
N LYS C 227 6.72 -40.17 -17.26
CA LYS C 227 5.39 -39.82 -17.75
C LYS C 227 4.29 -40.39 -16.86
N ASN C 228 4.54 -41.54 -16.21
CA ASN C 228 3.55 -42.13 -15.29
C ASN C 228 3.24 -41.20 -14.12
N VAL C 229 4.10 -40.23 -13.83
CA VAL C 229 3.87 -39.29 -12.73
C VAL C 229 2.66 -38.39 -12.99
N VAL C 230 2.36 -38.09 -14.24
CA VAL C 230 1.32 -37.13 -14.56
C VAL C 230 -0.04 -37.75 -14.29
N PRO C 231 -0.96 -37.06 -13.60
CA PRO C 231 -2.28 -37.65 -13.32
C PRO C 231 -3.09 -37.83 -14.58
N SER C 232 -3.67 -39.01 -14.75
CA SER C 232 -4.43 -39.35 -15.94
C SER C 232 -5.82 -38.76 -15.84
N TYR C 233 -6.43 -38.58 -17.01
CA TYR C 233 -7.84 -38.20 -17.07
C TYR C 233 -8.65 -39.03 -16.09
N ASP C 234 -8.49 -40.35 -16.12
CA ASP C 234 -9.36 -41.21 -15.31
C ASP C 234 -9.12 -41.02 -13.81
N LEU C 235 -7.86 -40.92 -13.41
CA LEU C 235 -7.56 -40.65 -12.00
C LEU C 235 -8.24 -39.37 -11.55
N LEU C 236 -8.08 -38.30 -12.32
CA LEU C 236 -8.70 -37.04 -11.94
C LEU C 236 -10.22 -37.20 -11.83
N LEU C 237 -10.84 -37.87 -12.82
CA LEU C 237 -12.29 -38.05 -12.78
C LEU C 237 -12.69 -38.82 -11.54
N GLU C 238 -11.95 -39.87 -11.21
CA GLU C 238 -12.27 -40.66 -10.04
C GLU C 238 -12.21 -39.79 -8.80
N MET C 239 -11.15 -39.02 -8.66
CA MET C 239 -11.02 -38.19 -7.47
C MET C 239 -12.11 -37.14 -7.41
N LEU C 240 -12.58 -36.71 -8.58
CA LEU C 240 -13.64 -35.71 -8.63
C LEU C 240 -14.98 -36.31 -8.21
N ASP C 241 -15.27 -37.54 -8.64
CA ASP C 241 -16.53 -38.18 -8.28
C ASP C 241 -16.56 -38.64 -6.81
N ALA C 242 -15.39 -38.76 -6.18
CA ALA C 242 -15.31 -39.19 -4.79
C ALA C 242 -15.59 -37.98 -3.90
N SER D 1 13.77 8.60 -19.46
CA SER D 1 13.62 8.03 -20.79
C SER D 1 12.50 8.70 -21.58
N LEU D 2 12.64 8.74 -22.91
CA LEU D 2 11.58 9.29 -23.75
C LEU D 2 10.36 8.40 -23.70
N ALA D 3 10.56 7.10 -23.59
CA ALA D 3 9.44 6.17 -23.58
C ALA D 3 8.52 6.40 -22.39
N LEU D 4 9.08 6.77 -21.23
CA LEU D 4 8.30 6.92 -20.02
C LEU D 4 7.55 8.23 -19.98
N SER D 5 7.86 9.17 -20.87
CA SER D 5 7.09 10.40 -20.99
C SER D 5 5.96 10.33 -22.03
N LEU D 6 5.80 9.21 -22.73
CA LEU D 6 4.85 9.17 -23.82
C LEU D 6 3.44 9.14 -23.26
N THR D 7 2.51 9.82 -23.95
CA THR D 7 1.10 9.66 -23.64
C THR D 7 0.57 8.36 -24.25
N ALA D 8 -0.65 7.98 -23.85
CA ALA D 8 -1.29 6.80 -24.45
C ALA D 8 -1.41 6.94 -25.97
N ASP D 9 -1.82 8.11 -26.43
CA ASP D 9 -1.91 8.35 -27.85
C ASP D 9 -0.55 8.21 -28.52
N GLN D 10 0.53 8.64 -27.86
CA GLN D 10 1.84 8.60 -28.51
C GLN D 10 2.34 7.19 -28.60
N MET D 11 2.01 6.37 -27.58
CA MET D 11 2.39 4.97 -27.53
C MET D 11 1.69 4.20 -28.63
N VAL D 12 0.35 4.32 -28.74
CA VAL D 12 -0.37 3.68 -29.83
C VAL D 12 0.23 4.08 -31.19
N SER D 13 0.49 5.38 -31.38
CA SER D 13 0.98 5.87 -32.67
C SER D 13 2.34 5.27 -32.99
N ALA D 14 3.22 5.24 -32.00
CA ALA D 14 4.53 4.61 -32.19
C ALA D 14 4.37 3.15 -32.62
N LEU D 15 3.53 2.42 -31.92
CA LEU D 15 3.43 1.00 -32.20
C LEU D 15 2.74 0.77 -33.55
N LEU D 16 1.71 1.56 -33.85
CA LEU D 16 1.04 1.37 -35.13
C LEU D 16 2.01 1.67 -36.26
N ASP D 17 2.80 2.74 -36.12
CA ASP D 17 3.77 3.10 -37.14
C ASP D 17 4.84 2.03 -37.32
N ALA D 18 5.16 1.29 -36.27
CA ALA D 18 6.20 0.28 -36.32
C ALA D 18 5.70 -1.05 -36.85
N GLU D 19 4.40 -1.19 -37.13
CA GLU D 19 3.84 -2.49 -37.52
C GLU D 19 4.53 -2.98 -38.78
N PRO D 20 4.95 -4.23 -38.85
CA PRO D 20 5.52 -4.76 -40.07
C PRO D 20 4.44 -5.04 -41.07
N PRO D 21 4.79 -5.20 -42.34
CA PRO D 21 3.78 -5.50 -43.36
C PRO D 21 3.43 -6.98 -43.34
N ILE D 22 2.30 -7.28 -44.00
CA ILE D 22 1.88 -8.66 -44.19
C ILE D 22 2.63 -9.21 -45.40
N LEU D 23 3.40 -10.25 -45.18
CA LEU D 23 4.21 -10.82 -46.24
C LEU D 23 3.46 -11.94 -46.96
N TYR D 24 3.96 -12.27 -48.14
CA TYR D 24 3.44 -13.37 -48.95
C TYR D 24 4.41 -14.55 -48.90
N SER D 25 3.87 -15.76 -49.06
CA SER D 25 4.76 -16.91 -49.23
C SER D 25 5.29 -16.87 -50.65
N GLU D 26 6.53 -17.33 -50.82
CA GLU D 26 7.25 -17.11 -52.06
C GLU D 26 6.80 -18.00 -53.22
N TYR D 27 5.86 -18.91 -53.01
CA TYR D 27 5.55 -19.87 -54.07
C TYR D 27 4.67 -19.26 -55.16
N ASP D 28 4.82 -19.80 -56.35
CA ASP D 28 4.38 -19.21 -57.61
C ASP D 28 2.93 -19.61 -57.89
N PRO D 29 2.02 -18.64 -58.07
CA PRO D 29 0.63 -19.01 -58.37
C PRO D 29 0.47 -19.77 -59.67
N THR D 30 1.36 -19.55 -60.64
CA THR D 30 1.33 -20.29 -61.91
C THR D 30 2.15 -21.58 -61.81
N ARG D 31 1.78 -22.39 -60.82
CA ARG D 31 2.50 -23.64 -60.57
C ARG D 31 3.99 -23.40 -60.40
N SER D 37 7.87 -28.95 -48.31
CA SER D 37 6.76 -28.35 -49.06
C SER D 37 6.02 -27.34 -48.19
N MET D 38 5.23 -27.88 -47.26
CA MET D 38 4.52 -27.02 -46.31
C MET D 38 5.50 -26.38 -45.34
N MET D 39 6.36 -27.19 -44.71
CA MET D 39 7.30 -26.64 -43.74
C MET D 39 8.31 -25.71 -44.40
N GLY D 40 8.62 -25.93 -45.67
CA GLY D 40 9.52 -25.03 -46.37
C GLY D 40 8.92 -23.65 -46.57
N LEU D 41 7.65 -23.61 -46.99
CA LEU D 41 6.95 -22.34 -47.17
C LEU D 41 6.81 -21.60 -45.86
N LEU D 42 6.54 -22.31 -44.77
CA LEU D 42 6.38 -21.66 -43.48
C LEU D 42 7.74 -21.23 -42.93
N THR D 43 8.77 -22.06 -43.11
CA THR D 43 10.10 -21.69 -42.66
C THR D 43 10.60 -20.47 -43.41
N ASN D 44 10.50 -20.49 -44.74
CA ASN D 44 10.88 -19.34 -45.55
C ASN D 44 10.18 -18.06 -45.08
N LEU D 45 8.87 -18.15 -44.82
CA LEU D 45 8.06 -17.00 -44.43
C LEU D 45 8.49 -16.48 -43.07
N ALA D 46 8.70 -17.40 -42.12
CA ALA D 46 9.10 -17.01 -40.78
C ALA D 46 10.46 -16.36 -40.82
N ASP D 47 11.39 -16.90 -41.63
CA ASP D 47 12.71 -16.30 -41.77
C ASP D 47 12.60 -14.85 -42.22
N ARG D 48 11.73 -14.58 -43.18
CA ARG D 48 11.51 -13.20 -43.64
C ARG D 48 10.75 -12.39 -42.60
N GLU D 49 9.84 -13.01 -41.87
CA GLU D 49 9.18 -12.27 -40.80
C GLU D 49 10.16 -11.86 -39.69
N LEU D 50 11.13 -12.71 -39.41
CA LEU D 50 12.04 -12.41 -38.31
C LEU D 50 12.82 -11.13 -38.58
N VAL D 51 13.22 -10.92 -39.84
CA VAL D 51 13.98 -9.72 -40.14
C VAL D 51 13.17 -8.47 -39.81
N HIS D 52 11.87 -8.48 -40.17
CA HIS D 52 10.98 -7.37 -39.82
C HIS D 52 10.79 -7.27 -38.30
N MET D 53 10.75 -8.40 -37.61
CA MET D 53 10.51 -8.36 -36.17
C MET D 53 11.63 -7.66 -35.44
N ILE D 54 12.88 -7.93 -35.84
CA ILE D 54 14.03 -7.30 -35.21
C ILE D 54 13.92 -5.80 -35.30
N ASN D 55 13.58 -5.30 -36.49
CA ASN D 55 13.52 -3.87 -36.68
C ASN D 55 12.25 -3.30 -36.08
N TRP D 56 11.16 -4.07 -36.03
CA TRP D 56 10.00 -3.65 -35.23
C TRP D 56 10.39 -3.46 -33.75
N ALA D 57 11.12 -4.43 -33.20
CA ALA D 57 11.39 -4.42 -31.76
C ALA D 57 12.21 -3.18 -31.39
N LYS D 58 13.12 -2.78 -32.26
CA LYS D 58 13.91 -1.59 -31.99
C LYS D 58 13.04 -0.33 -31.93
N ARG D 59 11.84 -0.39 -32.49
CA ARG D 59 10.91 0.73 -32.47
C ARG D 59 9.88 0.67 -31.33
N VAL D 60 9.91 -0.36 -30.50
CA VAL D 60 8.99 -0.45 -29.38
C VAL D 60 9.53 0.47 -28.27
N PRO D 61 8.79 1.48 -27.89
CA PRO D 61 9.37 2.43 -26.94
C PRO D 61 9.97 1.75 -25.72
N GLY D 62 11.13 2.26 -25.30
CA GLY D 62 11.86 1.68 -24.19
C GLY D 62 12.74 0.48 -24.50
N PHE D 63 12.57 -0.15 -25.68
CA PHE D 63 13.34 -1.36 -25.96
C PHE D 63 14.80 -1.05 -26.28
N VAL D 64 15.07 0.04 -27.00
CA VAL D 64 16.47 0.36 -27.30
C VAL D 64 17.18 1.00 -26.11
N ASP D 65 16.45 1.33 -25.03
CA ASP D 65 17.11 1.78 -23.82
C ASP D 65 17.84 0.63 -23.13
N LEU D 66 17.53 -0.60 -23.53
CA LEU D 66 18.09 -1.79 -22.92
C LEU D 66 19.45 -2.10 -23.52
N THR D 67 20.29 -2.78 -22.74
CA THR D 67 21.54 -3.28 -23.29
C THR D 67 21.25 -4.24 -24.44
N SER D 68 22.22 -4.40 -25.33
CA SER D 68 22.05 -5.37 -26.42
C SER D 68 21.79 -6.78 -25.88
N HIS D 69 22.50 -7.16 -24.82
CA HIS D 69 22.28 -8.50 -24.28
C HIS D 69 20.84 -8.67 -23.82
N ASP D 70 20.30 -7.68 -23.12
CA ASP D 70 18.93 -7.81 -22.65
C ASP D 70 17.94 -7.78 -23.83
N GLN D 71 18.26 -7.00 -24.86
CA GLN D 71 17.41 -6.99 -26.05
C GLN D 71 17.32 -8.39 -26.65
N VAL D 72 18.47 -9.06 -26.74
CA VAL D 72 18.53 -10.39 -27.31
C VAL D 72 17.78 -11.36 -26.45
N HIS D 73 18.00 -11.31 -25.12
CA HIS D 73 17.28 -12.24 -24.26
C HIS D 73 15.77 -12.17 -24.46
N LEU D 74 15.20 -10.95 -24.52
CA LEU D 74 13.76 -10.75 -24.68
C LEU D 74 13.27 -11.25 -26.04
N LEU D 75 14.01 -10.98 -27.11
CA LEU D 75 13.64 -11.51 -28.42
C LEU D 75 13.77 -13.01 -28.48
N GLU D 76 14.85 -13.57 -27.92
CA GLU D 76 15.01 -15.01 -27.81
C GLU D 76 13.74 -15.68 -27.23
N YCM D 77 13.05 -14.98 -26.33
CA YCM D 77 12.15 -15.61 -25.38
CB YCM D 77 12.19 -15.09 -23.93
SG YCM D 77 13.50 -15.60 -22.88
CD YCM D 77 12.80 -16.93 -21.97
CE YCM D 77 12.49 -18.06 -22.89
OZ1 YCM D 77 11.31 -18.45 -22.99
NZ2 YCM D 77 13.51 -18.66 -23.57
C YCM D 77 10.75 -15.45 -26.04
O YCM D 77 9.82 -16.24 -25.93
H YCM D 77 12.80 -14.02 -26.43
HA YCM D 77 12.43 -16.70 -25.19
HB2 YCM D 77 11.25 -15.38 -23.39
HB3 YCM D 77 12.25 -13.97 -23.94
HD2 YCM D 77 11.84 -16.62 -21.48
HD3 YCM D 77 13.50 -17.30 -21.19
HZ21 YCM D 77 14.44 -18.32 -23.47
HZ22 YCM D 77 13.35 -19.43 -24.17
N ALA D 78 10.63 -14.38 -26.82
CA ALA D 78 9.32 -13.96 -27.35
C ALA D 78 9.06 -14.23 -28.84
N TRP D 79 10.09 -14.61 -29.60
CA TRP D 79 9.96 -14.53 -31.06
C TRP D 79 8.82 -15.41 -31.59
N LEU D 80 8.67 -16.64 -31.07
CA LEU D 80 7.59 -17.50 -31.62
C LEU D 80 6.21 -17.07 -31.12
N GLU D 81 6.09 -16.59 -29.89
CA GLU D 81 4.82 -15.98 -29.49
C GLU D 81 4.44 -14.76 -30.37
N ILE D 82 5.42 -13.93 -30.76
CA ILE D 82 5.16 -12.76 -31.61
C ILE D 82 4.68 -13.18 -32.98
N LEU D 83 5.37 -14.12 -33.60
CA LEU D 83 4.90 -14.73 -34.83
C LEU D 83 3.47 -15.24 -34.70
N MET D 84 3.18 -15.98 -33.59
CA MET D 84 1.88 -16.65 -33.41
C MET D 84 0.76 -15.65 -33.21
N ILE D 85 1.03 -14.58 -32.45
CA ILE D 85 -0.05 -13.61 -32.26
C ILE D 85 -0.30 -12.82 -33.54
N GLY D 86 0.72 -12.57 -34.36
CA GLY D 86 0.47 -12.00 -35.67
C GLY D 86 -0.37 -12.91 -36.55
N LEU D 87 -0.10 -14.20 -36.50
CA LEU D 87 -0.88 -15.16 -37.27
C LEU D 87 -2.33 -15.15 -36.83
N VAL D 88 -2.54 -15.13 -35.52
CA VAL D 88 -3.90 -15.16 -34.98
C VAL D 88 -4.63 -13.88 -35.37
N TRP D 89 -3.95 -12.73 -35.30
CA TRP D 89 -4.52 -11.47 -35.73
C TRP D 89 -4.91 -11.49 -37.20
N ARG D 90 -4.00 -11.99 -38.05
CA ARG D 90 -4.25 -12.06 -39.48
C ARG D 90 -5.47 -12.90 -39.77
N SER D 91 -5.73 -13.90 -38.94
CA SER D 91 -6.71 -14.95 -39.23
C SER D 91 -8.07 -14.60 -38.64
N MET D 92 -8.15 -13.47 -37.96
CA MET D 92 -9.31 -13.17 -37.12
C MET D 92 -10.60 -13.15 -37.92
N GLU D 93 -10.60 -12.56 -39.12
CA GLU D 93 -11.79 -12.51 -39.97
C GLU D 93 -11.96 -13.74 -40.85
N HIS D 94 -11.19 -14.79 -40.63
CA HIS D 94 -11.30 -16.01 -41.40
C HIS D 94 -11.58 -17.18 -40.48
N PRO D 95 -12.82 -17.33 -40.02
CA PRO D 95 -13.15 -18.36 -39.01
C PRO D 95 -12.86 -19.76 -39.54
N GLY D 96 -12.21 -20.56 -38.70
CA GLY D 96 -11.82 -21.90 -39.10
C GLY D 96 -10.58 -21.99 -39.96
N LYS D 97 -9.90 -20.88 -40.23
CA LYS D 97 -8.76 -20.84 -41.14
C LYS D 97 -7.63 -20.06 -40.50
N LEU D 98 -6.40 -20.41 -40.87
CA LEU D 98 -5.23 -19.66 -40.46
C LEU D 98 -4.62 -18.99 -41.68
N LEU D 99 -4.55 -17.66 -41.67
CA LEU D 99 -4.04 -16.88 -42.79
C LEU D 99 -2.52 -16.66 -42.56
N PHE D 100 -1.75 -17.72 -42.86
CA PHE D 100 -0.29 -17.64 -42.76
C PHE D 100 0.23 -16.52 -43.65
N ALA D 101 -0.39 -16.35 -44.82
CA ALA D 101 -0.14 -15.25 -45.74
C ALA D 101 -1.38 -15.10 -46.60
N PRO D 102 -1.58 -13.93 -47.20
CA PRO D 102 -2.75 -13.75 -48.07
C PRO D 102 -2.88 -14.82 -49.12
N ASN D 103 -1.76 -15.45 -49.52
CA ASN D 103 -1.75 -16.53 -50.50
C ASN D 103 -1.46 -17.89 -49.89
N LEU D 104 -1.62 -18.02 -48.58
CA LEU D 104 -1.41 -19.28 -47.87
C LEU D 104 -2.41 -19.28 -46.71
N LEU D 105 -3.66 -19.56 -47.02
CA LEU D 105 -4.75 -19.61 -46.06
C LEU D 105 -5.17 -21.07 -45.93
N LEU D 106 -4.98 -21.64 -44.74
CA LEU D 106 -5.13 -23.08 -44.51
C LEU D 106 -6.21 -23.35 -43.48
N ASP D 107 -6.90 -24.45 -43.68
CA ASP D 107 -7.92 -24.93 -42.76
C ASP D 107 -7.36 -26.12 -41.99
N ARG D 108 -8.17 -26.65 -41.07
CA ARG D 108 -7.70 -27.71 -40.19
C ARG D 108 -7.21 -28.91 -41.00
N ASN D 109 -8.02 -29.38 -41.95
CA ASN D 109 -7.69 -30.59 -42.70
C ASN D 109 -6.30 -30.49 -43.30
N GLN D 110 -5.95 -29.32 -43.83
CA GLN D 110 -4.63 -29.15 -44.42
C GLN D 110 -3.54 -29.23 -43.36
N GLY D 111 -3.84 -28.83 -42.14
CA GLY D 111 -2.87 -28.88 -41.06
C GLY D 111 -2.47 -30.30 -40.70
N MET D 117 0.91 -31.00 -35.01
CA MET D 117 0.59 -29.93 -35.95
C MET D 117 -0.88 -29.52 -35.90
N VAL D 118 -1.77 -30.52 -35.99
CA VAL D 118 -3.21 -30.23 -35.87
C VAL D 118 -3.56 -29.79 -34.45
N GLU D 119 -2.81 -30.26 -33.46
CA GLU D 119 -3.03 -29.78 -32.10
C GLU D 119 -2.75 -28.28 -31.98
N ILE D 120 -1.64 -27.81 -32.55
CA ILE D 120 -1.30 -26.39 -32.48
C ILE D 120 -2.18 -25.55 -33.42
N PHE D 121 -2.53 -26.06 -34.60
CA PHE D 121 -3.57 -25.49 -35.45
C PHE D 121 -4.79 -25.17 -34.65
N ASP D 122 -5.30 -26.19 -33.93
CA ASP D 122 -6.54 -26.09 -33.15
C ASP D 122 -6.41 -25.01 -32.09
N MET D 123 -5.27 -24.94 -31.41
CA MET D 123 -5.09 -23.92 -30.38
C MET D 123 -5.02 -22.52 -31.00
N LEU D 124 -4.36 -22.38 -32.15
CA LEU D 124 -4.31 -21.10 -32.85
C LEU D 124 -5.71 -20.64 -33.24
N LEU D 125 -6.52 -21.54 -33.80
CA LEU D 125 -7.88 -21.17 -34.17
C LEU D 125 -8.66 -20.70 -32.96
N ALA D 126 -8.42 -21.31 -31.79
CA ALA D 126 -9.14 -20.95 -30.59
C ALA D 126 -8.85 -19.54 -30.21
N THR D 127 -7.58 -19.12 -30.37
CA THR D 127 -7.18 -17.76 -30.00
C THR D 127 -7.76 -16.76 -30.96
N SER D 128 -7.78 -17.09 -32.23
CA SER D 128 -8.47 -16.28 -33.20
C SER D 128 -9.96 -16.14 -32.89
N SER D 129 -10.65 -17.24 -32.59
CA SER D 129 -12.04 -17.16 -32.14
C SER D 129 -12.22 -16.27 -30.92
N ARG D 130 -11.34 -16.42 -29.93
CA ARG D 130 -11.42 -15.57 -28.75
C ARG D 130 -11.23 -14.11 -29.10
N PHE D 131 -10.26 -13.79 -29.98
CA PHE D 131 -10.09 -12.40 -30.39
C PHE D 131 -11.33 -11.92 -31.12
N ARG D 132 -11.88 -12.75 -31.99
CA ARG D 132 -13.13 -12.42 -32.68
C ARG D 132 -14.26 -12.13 -31.70
N MET D 133 -14.49 -13.06 -30.75
CA MET D 133 -15.55 -12.90 -29.75
C MET D 133 -15.38 -11.64 -28.92
N MET D 134 -14.14 -11.24 -28.67
CA MET D 134 -13.86 -10.04 -27.90
C MET D 134 -13.84 -8.77 -28.76
N ASN D 135 -13.97 -8.88 -30.09
CA ASN D 135 -13.84 -7.71 -30.96
C ASN D 135 -12.53 -6.97 -30.73
N LEU D 136 -11.42 -7.73 -30.73
CA LEU D 136 -10.10 -7.17 -30.46
C LEU D 136 -9.79 -6.15 -31.52
N GLN D 137 -9.30 -4.99 -31.09
CA GLN D 137 -9.00 -3.85 -31.95
C GLN D 137 -7.52 -3.80 -32.29
N GLY D 138 -7.19 -3.28 -33.49
CA GLY D 138 -5.79 -3.22 -33.91
C GLY D 138 -4.90 -2.48 -32.91
N GLU D 139 -5.41 -1.36 -32.33
CA GLU D 139 -4.68 -0.63 -31.28
C GLU D 139 -4.37 -1.52 -30.07
N GLU D 140 -5.31 -2.38 -29.69
CA GLU D 140 -5.09 -3.31 -28.59
C GLU D 140 -4.12 -4.38 -28.99
N PHE D 141 -4.21 -4.87 -30.24
CA PHE D 141 -3.30 -5.89 -30.73
C PHE D 141 -1.86 -5.47 -30.62
N VAL D 142 -1.53 -4.21 -31.02
CA VAL D 142 -0.13 -3.83 -31.06
C VAL D 142 0.40 -3.67 -29.64
N CYS D 143 -0.43 -3.17 -28.73
CA CYS D 143 -0.08 -3.15 -27.31
C CYS D 143 0.25 -4.54 -26.80
N LEU D 144 -0.59 -5.51 -27.11
CA LEU D 144 -0.36 -6.87 -26.62
C LEU D 144 0.95 -7.47 -27.15
N LYS D 145 1.22 -7.26 -28.45
CA LYS D 145 2.43 -7.77 -29.08
C LYS D 145 3.63 -7.17 -28.40
N SER D 146 3.54 -5.91 -28.03
CA SER D 146 4.63 -5.30 -27.29
C SER D 146 4.79 -5.84 -25.86
N ILE D 147 3.69 -6.13 -25.15
CA ILE D 147 3.74 -6.72 -23.82
C ILE D 147 4.42 -8.08 -23.90
N ILE D 148 4.17 -8.83 -24.97
CA ILE D 148 4.82 -10.14 -25.12
C ILE D 148 6.32 -9.98 -25.21
N LEU D 149 6.79 -8.94 -25.94
CA LEU D 149 8.22 -8.72 -26.18
C LEU D 149 8.89 -8.39 -24.86
N LEU D 150 8.26 -7.53 -24.08
CA LEU D 150 8.90 -7.04 -22.87
C LEU D 150 8.70 -7.98 -21.70
N ASN D 151 7.63 -8.76 -21.70
CA ASN D 151 7.31 -9.56 -20.55
C ASN D 151 7.86 -10.97 -20.63
N SER D 152 7.96 -11.57 -21.82
CA SER D 152 8.17 -13.02 -21.87
C SER D 152 9.52 -13.42 -21.28
N GLY D 153 10.49 -12.53 -21.35
CA GLY D 153 11.81 -12.86 -20.89
C GLY D 153 12.26 -12.14 -19.65
N VAL D 154 11.35 -11.34 -19.06
CA VAL D 154 11.77 -10.46 -18.00
C VAL D 154 11.92 -11.17 -16.66
N TYR D 155 11.31 -12.35 -16.50
CA TYR D 155 11.44 -13.14 -15.28
C TYR D 155 12.54 -14.20 -15.39
N THR D 156 13.32 -14.19 -16.47
CA THR D 156 14.43 -15.12 -16.64
C THR D 156 15.72 -14.38 -16.95
N PHE D 157 15.87 -13.15 -16.47
CA PHE D 157 17.16 -12.48 -16.59
C PHE D 157 18.16 -13.02 -15.56
N LEU D 158 19.44 -12.77 -15.84
CA LEU D 158 20.54 -13.28 -15.02
C LEU D 158 20.28 -13.10 -13.52
N LYS D 163 23.72 -4.33 -15.43
CA LYS D 163 22.68 -3.45 -14.94
C LYS D 163 21.38 -4.25 -14.81
N SER D 164 21.52 -5.49 -14.36
CA SER D 164 20.38 -6.42 -14.36
C SER D 164 19.18 -5.84 -13.64
N LEU D 165 19.41 -5.28 -12.44
CA LEU D 165 18.28 -4.77 -11.65
C LEU D 165 17.68 -3.52 -12.28
N GLU D 166 18.52 -2.60 -12.74
CA GLU D 166 18.03 -1.35 -13.32
C GLU D 166 17.22 -1.62 -14.58
N GLU D 167 17.64 -2.59 -15.39
CA GLU D 167 16.91 -2.92 -16.61
C GLU D 167 15.53 -3.50 -16.30
N LYS D 168 15.47 -4.47 -15.40
CA LYS D 168 14.20 -5.05 -14.99
C LYS D 168 13.22 -3.97 -14.56
N ASP D 169 13.68 -3.03 -13.74
CA ASP D 169 12.81 -1.94 -13.32
C ASP D 169 12.31 -1.14 -14.52
N HIS D 170 13.20 -0.75 -15.43
CA HIS D 170 12.79 -0.01 -16.64
C HIS D 170 11.72 -0.78 -17.44
N ILE D 171 11.97 -2.06 -17.68
CA ILE D 171 11.03 -2.88 -18.44
C ILE D 171 9.66 -2.81 -17.81
N HIS D 172 9.59 -2.92 -16.48
CA HIS D 172 8.31 -2.94 -15.80
C HIS D 172 7.64 -1.59 -15.81
N ARG D 173 8.41 -0.52 -15.83
CA ARG D 173 7.80 0.80 -15.97
C ARG D 173 7.23 0.98 -17.37
N VAL D 174 7.92 0.48 -18.39
CA VAL D 174 7.39 0.56 -19.74
C VAL D 174 6.16 -0.30 -19.84
N LEU D 175 6.19 -1.48 -19.22
CA LEU D 175 5.03 -2.35 -19.19
C LEU D 175 3.84 -1.67 -18.51
N ASP D 176 4.10 -0.90 -17.45
CA ASP D 176 3.03 -0.12 -16.83
C ASP D 176 2.48 0.94 -17.81
N LYS D 177 3.34 1.54 -18.63
CA LYS D 177 2.87 2.52 -19.60
C LYS D 177 1.95 1.86 -20.62
N ILE D 178 2.27 0.64 -21.02
CA ILE D 178 1.38 -0.04 -21.99
C ILE D 178 0.04 -0.45 -21.37
N THR D 179 0.04 -0.70 -20.05
CA THR D 179 -1.20 -0.91 -19.32
C THR D 179 -2.03 0.35 -19.30
N ASP D 180 -1.42 1.47 -18.91
CA ASP D 180 -2.11 2.75 -18.98
C ASP D 180 -2.68 3.01 -20.36
N THR D 181 -1.92 2.65 -21.41
CA THR D 181 -2.36 2.85 -22.79
C THR D 181 -3.58 2.02 -23.12
N LEU D 182 -3.54 0.76 -22.71
CA LEU D 182 -4.68 -0.11 -22.92
C LEU D 182 -5.93 0.42 -22.25
N ILE D 183 -5.82 0.84 -20.98
CA ILE D 183 -6.96 1.40 -20.25
C ILE D 183 -7.44 2.70 -20.91
N HIS D 184 -6.52 3.57 -21.35
CA HIS D 184 -6.95 4.79 -22.04
C HIS D 184 -7.79 4.45 -23.28
N LEU D 185 -7.31 3.51 -24.08
CA LEU D 185 -8.03 3.14 -25.29
C LEU D 185 -9.45 2.70 -24.96
N MET D 186 -9.60 1.94 -23.88
CA MET D 186 -10.90 1.41 -23.50
C MET D 186 -11.78 2.52 -22.97
N ALA D 187 -11.22 3.41 -22.14
CA ALA D 187 -12.01 4.54 -21.66
C ALA D 187 -12.54 5.37 -22.82
N LYS D 188 -11.71 5.60 -23.84
CA LYS D 188 -12.08 6.48 -24.93
C LYS D 188 -13.05 5.80 -25.85
N ALA D 189 -13.09 4.49 -25.84
CA ALA D 189 -14.11 3.77 -26.57
C ALA D 189 -15.43 3.67 -25.81
N GLY D 190 -15.49 4.20 -24.59
CA GLY D 190 -16.73 4.21 -23.86
C GLY D 190 -16.95 3.13 -22.83
N LEU D 191 -15.93 2.34 -22.51
CA LEU D 191 -16.13 1.28 -21.54
C LEU D 191 -16.18 1.88 -20.13
N THR D 192 -17.10 1.38 -19.31
CA THR D 192 -17.12 1.74 -17.89
C THR D 192 -15.83 1.31 -17.21
N LEU D 193 -15.59 1.87 -16.02
CA LEU D 193 -14.42 1.47 -15.27
C LEU D 193 -14.40 -0.05 -15.04
N GLN D 194 -15.55 -0.63 -14.74
CA GLN D 194 -15.57 -2.07 -14.51
C GLN D 194 -15.22 -2.85 -15.78
N GLN D 195 -15.85 -2.47 -16.89
CA GLN D 195 -15.55 -3.09 -18.16
C GLN D 195 -14.10 -2.89 -18.55
N GLN D 196 -13.48 -1.77 -18.16
CA GLN D 196 -12.07 -1.53 -18.49
C GLN D 196 -11.17 -2.58 -17.83
N HIS D 197 -11.34 -2.80 -16.54
CA HIS D 197 -10.45 -3.73 -15.88
C HIS D 197 -10.77 -5.18 -16.25
N GLN D 198 -12.02 -5.48 -16.57
CA GLN D 198 -12.37 -6.83 -16.99
C GLN D 198 -11.73 -7.15 -18.33
N ARG D 199 -11.73 -6.18 -19.24
CA ARG D 199 -11.23 -6.42 -20.57
C ARG D 199 -9.73 -6.44 -20.53
N LEU D 200 -9.11 -5.64 -19.69
CA LEU D 200 -7.66 -5.76 -19.53
C LEU D 200 -7.25 -7.15 -19.06
N ALA D 201 -8.02 -7.74 -18.12
CA ALA D 201 -7.71 -9.07 -17.59
C ALA D 201 -7.89 -10.12 -18.65
N GLN D 202 -8.96 -9.97 -19.45
CA GLN D 202 -9.26 -10.93 -20.50
C GLN D 202 -8.16 -10.92 -21.53
N LEU D 203 -7.68 -9.74 -21.90
CA LEU D 203 -6.60 -9.68 -22.87
C LEU D 203 -5.33 -10.34 -22.33
N LEU D 204 -4.90 -9.93 -21.13
CA LEU D 204 -3.68 -10.41 -20.55
C LEU D 204 -3.73 -11.91 -20.29
N LEU D 205 -4.88 -12.51 -19.90
CA LEU D 205 -4.98 -13.97 -19.71
C LEU D 205 -4.91 -14.75 -21.01
N ILE D 206 -5.23 -14.15 -22.16
CA ILE D 206 -4.97 -14.82 -23.44
C ILE D 206 -3.46 -14.96 -23.68
N LEU D 207 -2.63 -14.10 -23.07
CA LEU D 207 -1.19 -14.22 -23.25
C LEU D 207 -0.64 -15.49 -22.65
N SER D 208 -1.26 -16.00 -21.59
CA SER D 208 -0.87 -17.26 -21.03
C SER D 208 -1.15 -18.39 -22.00
N HIS D 209 -2.22 -18.30 -22.79
CA HIS D 209 -2.45 -19.30 -23.81
C HIS D 209 -1.47 -19.21 -24.98
N ILE D 210 -1.08 -17.99 -25.38
CA ILE D 210 -0.04 -17.79 -26.39
C ILE D 210 1.29 -18.36 -25.90
N ARG D 211 1.62 -18.17 -24.62
CA ARG D 211 2.88 -18.73 -24.13
C ARG D 211 2.83 -20.24 -24.25
N HIS D 212 1.69 -20.82 -23.89
CA HIS D 212 1.54 -22.26 -23.95
C HIS D 212 1.67 -22.76 -25.40
N MET D 213 1.00 -22.10 -26.34
CA MET D 213 1.16 -22.43 -27.75
C MET D 213 2.62 -22.34 -28.21
N SER D 214 3.33 -21.28 -27.79
CA SER D 214 4.74 -21.17 -28.15
C SER D 214 5.54 -22.36 -27.60
N ASN D 215 5.32 -22.73 -26.34
CA ASN D 215 6.09 -23.82 -25.76
C ASN D 215 5.76 -25.11 -26.46
N LYS D 216 4.50 -25.31 -26.85
CA LYS D 216 4.17 -26.51 -27.60
C LYS D 216 4.79 -26.46 -28.99
N GLY D 217 4.85 -25.25 -29.57
CA GLY D 217 5.42 -25.12 -30.89
C GLY D 217 6.90 -25.43 -30.93
N MET D 218 7.65 -24.90 -29.95
CA MET D 218 9.07 -25.24 -29.81
C MET D 218 9.25 -26.75 -29.74
N GLU D 219 8.53 -27.40 -28.80
CA GLU D 219 8.81 -28.82 -28.55
C GLU D 219 8.44 -29.65 -29.78
N HIS D 220 7.51 -29.16 -30.59
CA HIS D 220 7.25 -29.85 -31.85
C HIS D 220 8.35 -29.57 -32.88
N LEU D 221 8.86 -28.34 -32.90
CA LEU D 221 9.97 -28.01 -33.80
C LEU D 221 11.15 -28.94 -33.56
N TYR D 222 11.52 -29.15 -32.30
CA TYR D 222 12.52 -30.16 -31.99
C TYR D 222 12.05 -31.53 -32.46
N SER D 223 10.81 -31.90 -32.11
CA SER D 223 10.29 -33.22 -32.44
C SER D 223 10.28 -33.45 -33.95
N MET D 224 9.99 -32.41 -34.71
CA MET D 224 9.98 -32.47 -36.17
C MET D 224 11.32 -31.98 -36.74
N VAL D 229 16.01 -23.99 -37.05
CA VAL D 229 15.09 -22.90 -37.36
C VAL D 229 15.07 -21.84 -36.27
N VAL D 230 15.32 -22.27 -35.05
CA VAL D 230 15.25 -21.41 -33.88
C VAL D 230 16.42 -20.43 -33.94
N PRO D 231 16.18 -19.12 -33.95
CA PRO D 231 17.32 -18.18 -33.98
C PRO D 231 18.06 -18.23 -32.65
N SER D 232 19.37 -18.34 -32.72
CA SER D 232 20.18 -18.44 -31.53
C SER D 232 20.47 -17.06 -30.98
N TYR D 233 21.02 -17.05 -29.76
CA TYR D 233 21.42 -15.81 -29.12
C TYR D 233 22.32 -14.97 -30.02
N ASP D 234 23.33 -15.61 -30.62
CA ASP D 234 24.29 -14.88 -31.44
C ASP D 234 23.65 -14.39 -32.74
N LEU D 235 22.74 -15.18 -33.30
CA LEU D 235 22.07 -14.73 -34.51
C LEU D 235 21.33 -13.45 -34.25
N LEU D 236 20.58 -13.45 -33.15
CA LEU D 236 19.75 -12.30 -32.79
C LEU D 236 20.63 -11.10 -32.47
N LEU D 237 21.74 -11.32 -31.75
CA LEU D 237 22.70 -10.25 -31.45
C LEU D 237 23.26 -9.63 -32.73
N GLU D 238 23.75 -10.46 -33.66
CA GLU D 238 24.24 -9.94 -34.93
C GLU D 238 23.11 -9.22 -35.70
N MET D 239 21.89 -9.78 -35.68
CA MET D 239 20.79 -9.13 -36.37
C MET D 239 20.45 -7.79 -35.73
N LEU D 240 20.66 -7.68 -34.41
CA LEU D 240 20.37 -6.45 -33.70
C LEU D 240 21.41 -5.37 -34.02
N ASP D 241 22.70 -5.73 -34.07
CA ASP D 241 23.72 -4.78 -34.48
C ASP D 241 23.61 -4.43 -35.96
N ALA D 242 23.14 -5.37 -36.77
CA ALA D 242 22.98 -5.16 -38.21
C ALA D 242 21.68 -4.41 -38.51
C01 OBT E . -1.37 32.85 7.42
C02 OBT E . -0.85 33.80 6.60
C03 OBT E . -0.46 33.38 5.38
C04 OBT E . -0.56 32.10 5.04
C05 OBT E . -1.08 31.14 5.86
C06 OBT E . -1.48 31.56 7.06
O01 OBT E . -0.75 35.12 6.96
C07 OBT E . -1.17 29.86 5.46
C08 OBT E . -2.18 28.97 5.33
C09 OBT E . -1.48 27.74 4.76
C10 OBT E . -3.52 29.01 5.51
C11 OBT E . 0.09 29.13 4.99
C12 OBT E . -4.24 27.96 6.01
C13 OBT E . -5.61 28.04 6.09
C14 OBT E . -6.28 29.17 5.67
C15 OBT E . -5.56 30.20 5.21
C16 OBT E . -4.21 30.12 5.11
O02 OBT E . -7.64 29.29 5.76
C17 OBT E . 0.42 28.12 6.09
C18 OBT E . -0.68 27.06 5.87
S01 OBT E . 2.22 27.65 5.92
O03 OBT E . -0.41 28.26 4.00
N01 OBT E . 3.10 29.02 5.51
O04 OBT E . 1.99 26.65 4.87
O05 OBT E . 2.30 27.21 7.33
H1 OBT E . -1.71 33.16 8.42
H2 OBT E . -0.03 34.11 4.67
H3 OBT E . -0.19 31.84 4.03
H4 OBT E . -1.91 30.88 7.80
H5 OBT E . -1.63 35.47 7.18
H6 OBT E . -2.09 27.11 4.08
H7 OBT E . 0.91 29.77 4.62
H8 OBT E . -3.77 27.02 6.35
H9 OBT E . -6.19 27.19 6.51
H10 OBT E . -6.07 31.13 4.90
H11 OBT E . -3.69 31.01 4.70
H12 OBT E . -7.91 28.84 6.59
H13 OBT E . 0.25 28.47 7.14
H14 OBT E . -0.28 26.08 5.53
H15 OBT E . -1.31 26.89 6.76
C01 OBT F . 19.00 15.95 24.26
C02 OBT F . 20.24 16.51 24.36
C03 OBT F . 20.37 17.54 25.22
C04 OBT F . 19.33 17.98 25.95
C05 OBT F . 18.11 17.41 25.88
C06 OBT F . 17.98 16.40 25.01
O01 OBT F . 21.30 16.05 23.61
C07 OBT F . 17.06 17.85 26.60
C08 OBT F . 16.15 17.26 27.41
C09 OBT F . 15.26 18.41 27.84
C10 OBT F . 15.95 16.00 27.85
C11 OBT F . 16.66 19.32 26.58
C12 OBT F . 14.71 15.52 28.15
C13 OBT F . 14.52 14.28 28.60
C14 OBT F . 15.55 13.42 28.80
C15 OBT F . 16.79 13.87 28.53
C16 OBT F . 16.97 15.13 28.06
O02 OBT F . 15.28 12.18 29.31
C17 OBT F . 15.43 19.33 25.68
C18 OBT F . 14.37 18.79 26.67
S01 OBT F . 15.12 20.95 24.85
O03 OBT F . 16.11 19.50 27.85
N01 OBT F . 16.20 22.07 25.40
O04 OBT F . 13.81 21.13 25.40
O05 OBT F . 15.25 20.43 23.48
H1 OBT F . 18.85 15.12 23.57
H2 OBT F . 21.35 18.05 25.31
H3 OBT F . 19.53 18.84 26.61
H4 OBT F . 17.01 15.89 24.85
H5 OBT F . 21.15 15.10 23.41
H6 OBT F . 14.79 18.32 28.85
H7 OBT F . 17.43 20.08 26.39
H8 OBT F . 13.81 16.15 28.03
H9 OBT F . 13.49 13.92 28.81
H10 OBT F . 17.66 13.20 28.68
H11 OBT F . 18.02 15.42 27.86
H12 OBT F . 15.99 11.97 29.95
C19 OBT F . 16.82 22.77 24.38
H13 OBT F . 15.50 18.59 24.84
H14 OBT F . 13.62 19.55 26.97
H15 OBT F . 13.82 17.90 26.28
C21 OBT F . 16.41 22.48 26.55
C22 OBT F . 15.43 22.49 27.43
C23 OBT F . 15.61 22.87 28.71
C24 OBT F . 16.82 23.25 29.13
C25 OBT F . 17.83 23.24 28.26
C26 OBT F . 17.62 22.86 27.01
H16 OBT F . 17.82 23.15 24.72
H17 OBT F . 16.18 22.78 23.47
H18 OBT F . 14.40 22.20 27.19
CL1 OBT F . 17.08 23.75 30.76
H19 OBT F . 14.75 22.87 29.40
H21 OBT F . 18.84 23.54 28.58
H22 OBT F . 18.50 22.90 26.34
C01 OBT G . 5.41 -34.03 -9.66
C02 OBT G . 6.09 -35.16 -9.37
C03 OBT G . 7.38 -35.07 -9.02
C04 OBT G . 7.96 -33.88 -8.93
C05 OBT G . 7.28 -32.72 -9.22
C06 OBT G . 6.01 -32.84 -9.59
O01 OBT G . 5.49 -36.39 -9.42
C07 OBT G . 7.90 -31.53 -9.13
C08 OBT G . 7.71 -30.40 -8.40
C09 OBT G . 8.89 -29.52 -8.84
C10 OBT G . 6.77 -30.00 -7.50
C11 OBT G . 9.19 -31.33 -9.92
C12 OBT G . 6.28 -28.74 -7.43
C13 OBT G . 5.40 -28.38 -6.49
C14 OBT G . 4.97 -29.25 -5.53
C15 OBT G . 5.45 -30.50 -5.60
C16 OBT G . 6.36 -30.84 -6.55
O02 OBT G . 4.05 -28.88 -4.55
C17 OBT G . 8.92 -30.39 -11.08
C18 OBT G . 8.63 -29.10 -10.28
S01 OBT G . 10.30 -30.30 -12.33
O03 OBT G . 9.92 -30.46 -9.07
N01 OBT G . 11.69 -31.16 -11.99
O04 OBT G . 10.54 -28.88 -12.19
O05 OBT G . 9.45 -30.77 -13.44
H1 OBT G . 4.34 -34.09 -9.93
H2 OBT G . 7.95 -35.99 -8.79
H3 OBT G . 9.02 -33.87 -8.63
H4 OBT G . 5.40 -31.97 -9.86
H5 OBT G . 4.61 -36.36 -8.99
H6 OBT G . 9.25 -28.77 -8.11
H7 OBT G . 9.75 -32.25 -10.18
H8 OBT G . 6.58 -27.97 -8.15
H9 OBT G . 5.01 -27.35 -6.49
H10 OBT G . 5.10 -31.25 -4.88
H11 OBT G . 6.75 -31.87 -6.48
H12 OBT G . 3.19 -29.25 -4.80
C19 OBT G . 11.88 -32.04 -12.91
H13 OBT G . 8.01 -30.70 -11.65
H14 OBT G . 7.58 -28.74 -10.40
H15 OBT G . 9.31 -28.25 -10.56
C21 OBT G . 12.62 -31.16 -11.18
C22 OBT G . 12.87 -32.09 -10.27
C23 OBT G . 13.85 -31.93 -9.37
C24 OBT G . 14.61 -30.84 -9.38
C25 OBT G . 14.39 -29.90 -10.33
C26 OBT G . 13.39 -30.08 -11.20
H16 OBT G . 12.46 -32.90 -12.51
H17 OBT G . 11.39 -31.70 -13.86
H18 OBT G . 12.32 -33.04 -10.20
CL1 OBT G . 15.87 -30.68 -8.22
H19 OBT G . 14.01 -32.72 -8.61
H21 OBT G . 15.03 -29.00 -10.39
H22 OBT G . 13.25 -29.28 -11.94
C01 OBT H . 8.86 -21.14 -38.18
C02 OBT H . 9.31 -21.94 -39.16
C03 OBT H . 8.46 -22.84 -39.68
C04 OBT H . 7.19 -22.93 -39.22
C05 OBT H . 6.72 -22.14 -38.24
C06 OBT H . 7.59 -21.25 -37.74
O01 OBT H . 10.58 -21.82 -39.62
C07 OBT H . 5.46 -22.22 -37.80
C08 OBT H . 4.49 -21.32 -37.63
C09 OBT H . 3.32 -22.13 -37.13
C10 OBT H . 4.39 -20.00 -37.87
C11 OBT H . 4.86 -23.54 -37.38
C12 OBT H . 3.60 -19.14 -37.18
C13 OBT H . 3.53 -17.82 -37.53
C14 OBT H . 4.25 -17.30 -38.58
C15 OBT H . 5.03 -18.15 -39.27
C16 OBT H . 5.09 -19.47 -38.91
O02 OBT H . 4.18 -15.98 -38.93
C17 OBT H . 4.75 -23.52 -35.87
C18 OBT H . 3.54 -22.58 -35.70
S01 OBT H . 4.68 -25.28 -35.22
O03 OBT H . 3.51 -23.37 -37.76
N01 OBT H . 3.78 -26.51 -36.03
O04 OBT H . 4.16 -24.83 -33.90
O05 OBT H . 6.14 -25.50 -35.33
H1 OBT H . 9.53 -20.39 -37.74
H2 OBT H . 8.81 -23.52 -40.48
H3 OBT H . 6.56 -23.70 -39.71
H4 OBT H . 7.31 -20.56 -36.92
H5 OBT H . 10.85 -20.88 -39.63
H6 OBT H . 2.32 -21.72 -37.38
H7 OBT H . 5.31 -24.45 -37.83
H8 OBT H . 2.98 -19.47 -36.33
H9 OBT H . 2.87 -17.15 -36.94
H10 OBT H . 5.62 -17.78 -40.12
H11 OBT H . 5.76 -20.09 -39.54
H12 OBT H . 3.47 -15.57 -38.42
C19 OBT H . 4.03 -27.91 -35.53
H13 OBT H . 5.58 -23.02 -35.32
C20 OBT H . 5.43 -28.28 -35.83
H14 OBT H . 3.77 -21.71 -35.05
F1 OBT H . 6.28 -28.08 -34.88
H15 OBT H . 2.63 -23.09 -35.30
F2 OBT H . 5.46 -29.53 -36.18
F3 OBT H . 5.88 -27.56 -36.83
C21 OBT H . 3.01 -26.48 -37.07
C22 OBT H . 1.67 -26.37 -37.06
C23 OBT H . 0.94 -26.43 -38.18
C24 OBT H . 1.52 -26.66 -39.38
C25 OBT H . 2.85 -26.81 -39.41
C26 OBT H . 3.56 -26.74 -38.27
H16 OBT H . 3.85 -28.06 -34.44
H17 OBT H . 3.36 -28.69 -35.98
H18 OBT H . 1.09 -26.23 -36.14
CL1 OBT H . 0.59 -26.75 -40.84
H19 OBT H . -0.15 -26.29 -38.12
H21 OBT H . 3.38 -27.00 -40.36
H22 OBT H . 4.63 -26.91 -38.38
#